data_4R7E
# 
_entry.id   4R7E 
# 
_audit_conform.dict_name       mmcif_pdbx.dic 
_audit_conform.dict_version    5.387 
_audit_conform.dict_location   http://mmcif.pdb.org/dictionaries/ascii/mmcif_pdbx.dic 
# 
loop_
_database_2.database_id 
_database_2.database_code 
_database_2.pdbx_database_accession 
_database_2.pdbx_DOI 
PDB   4R7E         pdb_00004r7e 10.2210/pdb4r7e/pdb 
RCSB  RCSB086992   ?            ?                   
WWPDB D_1000086992 ?            ?                   
# 
loop_
_pdbx_audit_revision_history.ordinal 
_pdbx_audit_revision_history.data_content_type 
_pdbx_audit_revision_history.major_revision 
_pdbx_audit_revision_history.minor_revision 
_pdbx_audit_revision_history.revision_date 
1 'Structure model' 1 0 2015-05-13 
2 'Structure model' 1 1 2015-08-26 
3 'Structure model' 1 2 2024-02-28 
# 
_pdbx_audit_revision_details.ordinal             1 
_pdbx_audit_revision_details.revision_ordinal    1 
_pdbx_audit_revision_details.data_content_type   'Structure model' 
_pdbx_audit_revision_details.provider            repository 
_pdbx_audit_revision_details.type                'Initial release' 
_pdbx_audit_revision_details.description         ? 
_pdbx_audit_revision_details.details             ? 
# 
loop_
_pdbx_audit_revision_group.ordinal 
_pdbx_audit_revision_group.revision_ordinal 
_pdbx_audit_revision_group.data_content_type 
_pdbx_audit_revision_group.group 
1 2 'Structure model' 'Database references'  
2 3 'Structure model' 'Data collection'      
3 3 'Structure model' 'Database references'  
4 3 'Structure model' 'Derived calculations' 
# 
loop_
_pdbx_audit_revision_category.ordinal 
_pdbx_audit_revision_category.revision_ordinal 
_pdbx_audit_revision_category.data_content_type 
_pdbx_audit_revision_category.category 
1 3 'Structure model' chem_comp_atom         
2 3 'Structure model' chem_comp_bond         
3 3 'Structure model' database_2             
4 3 'Structure model' pdbx_struct_conn_angle 
5 3 'Structure model' struct_conn            
6 3 'Structure model' struct_site            
# 
loop_
_pdbx_audit_revision_item.ordinal 
_pdbx_audit_revision_item.revision_ordinal 
_pdbx_audit_revision_item.data_content_type 
_pdbx_audit_revision_item.item 
1  3 'Structure model' '_database_2.pdbx_DOI'                        
2  3 'Structure model' '_database_2.pdbx_database_accession'         
3  3 'Structure model' '_pdbx_struct_conn_angle.ptnr1_auth_comp_id'  
4  3 'Structure model' '_pdbx_struct_conn_angle.ptnr1_auth_seq_id'   
5  3 'Structure model' '_pdbx_struct_conn_angle.ptnr1_label_atom_id' 
6  3 'Structure model' '_pdbx_struct_conn_angle.ptnr1_label_comp_id' 
7  3 'Structure model' '_pdbx_struct_conn_angle.ptnr1_label_seq_id'  
8  3 'Structure model' '_pdbx_struct_conn_angle.ptnr2_auth_seq_id'   
9  3 'Structure model' '_pdbx_struct_conn_angle.ptnr2_label_asym_id' 
10 3 'Structure model' '_pdbx_struct_conn_angle.ptnr3_auth_comp_id'  
11 3 'Structure model' '_pdbx_struct_conn_angle.ptnr3_auth_seq_id'   
12 3 'Structure model' '_pdbx_struct_conn_angle.ptnr3_label_atom_id' 
13 3 'Structure model' '_pdbx_struct_conn_angle.ptnr3_label_comp_id' 
14 3 'Structure model' '_pdbx_struct_conn_angle.ptnr3_label_seq_id'  
15 3 'Structure model' '_pdbx_struct_conn_angle.value'               
16 3 'Structure model' '_struct_conn.pdbx_dist_value'                
17 3 'Structure model' '_struct_conn.ptnr1_auth_comp_id'             
18 3 'Structure model' '_struct_conn.ptnr1_auth_seq_id'              
19 3 'Structure model' '_struct_conn.ptnr1_label_atom_id'            
20 3 'Structure model' '_struct_conn.ptnr1_label_comp_id'            
21 3 'Structure model' '_struct_conn.ptnr1_label_seq_id'             
22 3 'Structure model' '_struct_conn.ptnr2_auth_seq_id'              
23 3 'Structure model' '_struct_conn.ptnr2_label_asym_id'            
24 3 'Structure model' '_struct_site.pdbx_auth_asym_id'              
25 3 'Structure model' '_struct_site.pdbx_auth_comp_id'              
26 3 'Structure model' '_struct_site.pdbx_auth_seq_id'               
# 
_pdbx_database_status.status_code                     REL 
_pdbx_database_status.entry_id                        4R7E 
_pdbx_database_status.recvd_initial_deposition_date   2014-08-27 
_pdbx_database_status.deposit_site                    RCSB 
_pdbx_database_status.process_site                    RCSB 
_pdbx_database_status.status_code_sf                  REL 
_pdbx_database_status.status_code_mr                  ? 
_pdbx_database_status.SG_entry                        ? 
_pdbx_database_status.status_code_cs                  ? 
_pdbx_database_status.methods_development_category    ? 
_pdbx_database_status.pdb_format_compatible           Y 
_pdbx_database_status.status_code_nmr_data            ? 
# 
loop_
_audit_author.name 
_audit_author.pdbx_ordinal 
'Kumar, P.'     1 
'Wolberger, C.' 2 
# 
_citation.id                        primary 
_citation.title                     'Structure of the yeast Bre1 RING domain.' 
_citation.journal_abbrev            Proteins 
_citation.journal_volume            83 
_citation.page_first                1185 
_citation.page_last                 1190 
_citation.year                      2015 
_citation.journal_id_ASTM           PSFGEY 
_citation.country                   US 
_citation.journal_id_ISSN           0887-3585 
_citation.journal_id_CSD            0867 
_citation.book_publisher            ? 
_citation.pdbx_database_id_PubMed   25864391 
_citation.pdbx_database_id_DOI      10.1002/prot.24812 
# 
loop_
_citation_author.citation_id 
_citation_author.name 
_citation_author.ordinal 
_citation_author.identifier_ORCID 
primary 'Kumar, P.'     1 ? 
primary 'Wolberger, C.' 2 ? 
# 
loop_
_entity.id 
_entity.type 
_entity.src_method 
_entity.pdbx_description 
_entity.formula_weight 
_entity.pdbx_number_of_molecules 
_entity.pdbx_ec 
_entity.pdbx_mutation 
_entity.pdbx_fragment 
_entity.details 
1 polymer     man 'E3 ubiquitin-protein ligase BRE1' 7885.266 1 6.3.2.- ? 'RING domain (UNP residues 632-700)' ? 
2 non-polymer syn 'ZINC ION'                         65.409   2 ?       ? ?                                    ? 
3 water       nat water                              18.015   9 ?       ? ?                                    ? 
# 
_entity_name_com.entity_id   1 
_entity_name_com.name        'Brefeldin A-sensitivity protein 1' 
# 
_entity_poly.entity_id                      1 
_entity_poly.type                           'polypeptide(L)' 
_entity_poly.nstd_linkage                   no 
_entity_poly.nstd_monomer                   no 
_entity_poly.pdbx_seq_one_letter_code       DEALVEELANFRTLVYCSLCSKNWKNMAIKTCGHVFCENCCKERLAARMRKCPTCNKAFSSNDLLTVHL 
_entity_poly.pdbx_seq_one_letter_code_can   DEALVEELANFRTLVYCSLCSKNWKNMAIKTCGHVFCENCCKERLAARMRKCPTCNKAFSSNDLLTVHL 
_entity_poly.pdbx_strand_id                 A 
_entity_poly.pdbx_target_identifier         ? 
# 
loop_
_pdbx_entity_nonpoly.entity_id 
_pdbx_entity_nonpoly.name 
_pdbx_entity_nonpoly.comp_id 
2 'ZINC ION' ZN  
3 water      HOH 
# 
loop_
_entity_poly_seq.entity_id 
_entity_poly_seq.num 
_entity_poly_seq.mon_id 
_entity_poly_seq.hetero 
1 1  ASP n 
1 2  GLU n 
1 3  ALA n 
1 4  LEU n 
1 5  VAL n 
1 6  GLU n 
1 7  GLU n 
1 8  LEU n 
1 9  ALA n 
1 10 ASN n 
1 11 PHE n 
1 12 ARG n 
1 13 THR n 
1 14 LEU n 
1 15 VAL n 
1 16 TYR n 
1 17 CYS n 
1 18 SER n 
1 19 LEU n 
1 20 CYS n 
1 21 SER n 
1 22 LYS n 
1 23 ASN n 
1 24 TRP n 
1 25 LYS n 
1 26 ASN n 
1 27 MET n 
1 28 ALA n 
1 29 ILE n 
1 30 LYS n 
1 31 THR n 
1 32 CYS n 
1 33 GLY n 
1 34 HIS n 
1 35 VAL n 
1 36 PHE n 
1 37 CYS n 
1 38 GLU n 
1 39 ASN n 
1 40 CYS n 
1 41 CYS n 
1 42 LYS n 
1 43 GLU n 
1 44 ARG n 
1 45 LEU n 
1 46 ALA n 
1 47 ALA n 
1 48 ARG n 
1 49 MET n 
1 50 ARG n 
1 51 LYS n 
1 52 CYS n 
1 53 PRO n 
1 54 THR n 
1 55 CYS n 
1 56 ASN n 
1 57 LYS n 
1 58 ALA n 
1 59 PHE n 
1 60 SER n 
1 61 SER n 
1 62 ASN n 
1 63 ASP n 
1 64 LEU n 
1 65 LEU n 
1 66 THR n 
1 67 VAL n 
1 68 HIS n 
1 69 LEU n 
# 
_entity_src_gen.entity_id                          1 
_entity_src_gen.pdbx_src_id                        1 
_entity_src_gen.pdbx_alt_source_flag               sample 
_entity_src_gen.pdbx_seq_type                      ? 
_entity_src_gen.pdbx_beg_seq_num                   ? 
_entity_src_gen.pdbx_end_seq_num                   ? 
_entity_src_gen.gene_src_common_name               
;Baker's yeast
;
_entity_src_gen.gene_src_genus                     ? 
_entity_src_gen.pdbx_gene_src_gene                 'Bre1, YDL074C' 
_entity_src_gen.gene_src_species                   ? 
_entity_src_gen.gene_src_strain                    ? 
_entity_src_gen.gene_src_tissue                    ? 
_entity_src_gen.gene_src_tissue_fraction           ? 
_entity_src_gen.gene_src_details                   ? 
_entity_src_gen.pdbx_gene_src_fragment             ? 
_entity_src_gen.pdbx_gene_src_scientific_name      'Saccharomyces cerevisiae' 
_entity_src_gen.pdbx_gene_src_ncbi_taxonomy_id     4932 
_entity_src_gen.pdbx_gene_src_variant              ? 
_entity_src_gen.pdbx_gene_src_cell_line            ? 
_entity_src_gen.pdbx_gene_src_atcc                 ? 
_entity_src_gen.pdbx_gene_src_organ                ? 
_entity_src_gen.pdbx_gene_src_organelle            ? 
_entity_src_gen.pdbx_gene_src_cell                 ? 
_entity_src_gen.pdbx_gene_src_cellular_location    ? 
_entity_src_gen.host_org_common_name               ? 
_entity_src_gen.pdbx_host_org_scientific_name      'Escherichia coli' 
_entity_src_gen.pdbx_host_org_ncbi_taxonomy_id     562 
_entity_src_gen.host_org_genus                     ? 
_entity_src_gen.pdbx_host_org_gene                 ? 
_entity_src_gen.pdbx_host_org_organ                ? 
_entity_src_gen.host_org_species                   ? 
_entity_src_gen.pdbx_host_org_tissue               ? 
_entity_src_gen.pdbx_host_org_tissue_fraction      ? 
_entity_src_gen.pdbx_host_org_strain               ? 
_entity_src_gen.pdbx_host_org_variant              ? 
_entity_src_gen.pdbx_host_org_cell_line            ? 
_entity_src_gen.pdbx_host_org_atcc                 ? 
_entity_src_gen.pdbx_host_org_culture_collection   ? 
_entity_src_gen.pdbx_host_org_cell                 ? 
_entity_src_gen.pdbx_host_org_organelle            ? 
_entity_src_gen.pdbx_host_org_cellular_location    ? 
_entity_src_gen.pdbx_host_org_vector_type          PLASMID 
_entity_src_gen.pdbx_host_org_vector               ? 
_entity_src_gen.host_org_details                   ? 
_entity_src_gen.expression_system_id               ? 
_entity_src_gen.plasmid_name                       pET32a 
_entity_src_gen.plasmid_details                    ? 
_entity_src_gen.pdbx_description                   ? 
# 
loop_
_chem_comp.id 
_chem_comp.type 
_chem_comp.mon_nstd_flag 
_chem_comp.name 
_chem_comp.pdbx_synonyms 
_chem_comp.formula 
_chem_comp.formula_weight 
ALA 'L-peptide linking' y ALANINE         ? 'C3 H7 N O2'     89.093  
ARG 'L-peptide linking' y ARGININE        ? 'C6 H15 N4 O2 1' 175.209 
ASN 'L-peptide linking' y ASPARAGINE      ? 'C4 H8 N2 O3'    132.118 
ASP 'L-peptide linking' y 'ASPARTIC ACID' ? 'C4 H7 N O4'     133.103 
CYS 'L-peptide linking' y CYSTEINE        ? 'C3 H7 N O2 S'   121.158 
GLU 'L-peptide linking' y 'GLUTAMIC ACID' ? 'C5 H9 N O4'     147.129 
GLY 'peptide linking'   y GLYCINE         ? 'C2 H5 N O2'     75.067  
HIS 'L-peptide linking' y HISTIDINE       ? 'C6 H10 N3 O2 1' 156.162 
HOH non-polymer         . WATER           ? 'H2 O'           18.015  
ILE 'L-peptide linking' y ISOLEUCINE      ? 'C6 H13 N O2'    131.173 
LEU 'L-peptide linking' y LEUCINE         ? 'C6 H13 N O2'    131.173 
LYS 'L-peptide linking' y LYSINE          ? 'C6 H15 N2 O2 1' 147.195 
MET 'L-peptide linking' y METHIONINE      ? 'C5 H11 N O2 S'  149.211 
PHE 'L-peptide linking' y PHENYLALANINE   ? 'C9 H11 N O2'    165.189 
PRO 'L-peptide linking' y PROLINE         ? 'C5 H9 N O2'     115.130 
SER 'L-peptide linking' y SERINE          ? 'C3 H7 N O3'     105.093 
THR 'L-peptide linking' y THREONINE       ? 'C4 H9 N O3'     119.119 
TRP 'L-peptide linking' y TRYPTOPHAN      ? 'C11 H12 N2 O2'  204.225 
TYR 'L-peptide linking' y TYROSINE        ? 'C9 H11 N O3'    181.189 
VAL 'L-peptide linking' y VALINE          ? 'C5 H11 N O2'    117.146 
ZN  non-polymer         . 'ZINC ION'      ? 'Zn 2'           65.409  
# 
loop_
_pdbx_poly_seq_scheme.asym_id 
_pdbx_poly_seq_scheme.entity_id 
_pdbx_poly_seq_scheme.seq_id 
_pdbx_poly_seq_scheme.mon_id 
_pdbx_poly_seq_scheme.ndb_seq_num 
_pdbx_poly_seq_scheme.pdb_seq_num 
_pdbx_poly_seq_scheme.auth_seq_num 
_pdbx_poly_seq_scheme.pdb_mon_id 
_pdbx_poly_seq_scheme.auth_mon_id 
_pdbx_poly_seq_scheme.pdb_strand_id 
_pdbx_poly_seq_scheme.pdb_ins_code 
_pdbx_poly_seq_scheme.hetero 
A 1 1  ASP 1  632 632 ASP ASP A . n 
A 1 2  GLU 2  633 633 GLU GLU A . n 
A 1 3  ALA 3  634 634 ALA ALA A . n 
A 1 4  LEU 4  635 635 LEU LEU A . n 
A 1 5  VAL 5  636 636 VAL VAL A . n 
A 1 6  GLU 6  637 637 GLU GLU A . n 
A 1 7  GLU 7  638 638 GLU GLU A . n 
A 1 8  LEU 8  639 639 LEU LEU A . n 
A 1 9  ALA 9  640 640 ALA ALA A . n 
A 1 10 ASN 10 641 641 ASN ASN A . n 
A 1 11 PHE 11 642 642 PHE PHE A . n 
A 1 12 ARG 12 643 643 ARG ARG A . n 
A 1 13 THR 13 644 644 THR THR A . n 
A 1 14 LEU 14 645 645 LEU LEU A . n 
A 1 15 VAL 15 646 646 VAL VAL A . n 
A 1 16 TYR 16 647 647 TYR TYR A . n 
A 1 17 CYS 17 648 648 CYS CYS A . n 
A 1 18 SER 18 649 649 SER SER A . n 
A 1 19 LEU 19 650 650 LEU LEU A . n 
A 1 20 CYS 20 651 651 CYS CYS A . n 
A 1 21 SER 21 652 652 SER SER A . n 
A 1 22 LYS 22 653 653 LYS LYS A . n 
A 1 23 ASN 23 654 654 ASN ASN A . n 
A 1 24 TRP 24 655 655 TRP TRP A . n 
A 1 25 LYS 25 656 656 LYS LYS A . n 
A 1 26 ASN 26 657 657 ASN ASN A . n 
A 1 27 MET 27 658 658 MET MET A . n 
A 1 28 ALA 28 659 659 ALA ALA A . n 
A 1 29 ILE 29 660 660 ILE ILE A . n 
A 1 30 LYS 30 661 661 LYS LYS A . n 
A 1 31 THR 31 662 662 THR THR A . n 
A 1 32 CYS 32 663 663 CYS CYS A . n 
A 1 33 GLY 33 664 664 GLY GLY A . n 
A 1 34 HIS 34 665 665 HIS HIS A . n 
A 1 35 VAL 35 666 666 VAL VAL A . n 
A 1 36 PHE 36 667 667 PHE PHE A . n 
A 1 37 CYS 37 668 668 CYS CYS A . n 
A 1 38 GLU 38 669 669 GLU GLU A . n 
A 1 39 ASN 39 670 670 ASN ASN A . n 
A 1 40 CYS 40 671 671 CYS CYS A . n 
A 1 41 CYS 41 672 672 CYS CYS A . n 
A 1 42 LYS 42 673 673 LYS LYS A . n 
A 1 43 GLU 43 674 674 GLU GLU A . n 
A 1 44 ARG 44 675 675 ARG ARG A . n 
A 1 45 LEU 45 676 676 LEU LEU A . n 
A 1 46 ALA 46 677 677 ALA ALA A . n 
A 1 47 ALA 47 678 678 ALA ALA A . n 
A 1 48 ARG 48 679 679 ARG ARG A . n 
A 1 49 MET 49 680 680 MET MET A . n 
A 1 50 ARG 50 681 681 ARG ARG A . n 
A 1 51 LYS 51 682 682 LYS LYS A . n 
A 1 52 CYS 52 683 683 CYS CYS A . n 
A 1 53 PRO 53 684 684 PRO PRO A . n 
A 1 54 THR 54 685 685 THR THR A . n 
A 1 55 CYS 55 686 686 CYS CYS A . n 
A 1 56 ASN 56 687 687 ASN ASN A . n 
A 1 57 LYS 57 688 688 LYS LYS A . n 
A 1 58 ALA 58 689 689 ALA ALA A . n 
A 1 59 PHE 59 690 690 PHE PHE A . n 
A 1 60 SER 60 691 691 SER SER A . n 
A 1 61 SER 61 692 692 SER SER A . n 
A 1 62 ASN 62 693 693 ASN ASN A . n 
A 1 63 ASP 63 694 694 ASP ASP A . n 
A 1 64 LEU 64 695 695 LEU LEU A . n 
A 1 65 LEU 65 696 696 LEU LEU A . n 
A 1 66 THR 66 697 697 THR THR A . n 
A 1 67 VAL 67 698 698 VAL VAL A . n 
A 1 68 HIS 68 699 699 HIS HIS A . n 
A 1 69 LEU 69 700 700 LEU LEU A . n 
# 
loop_
_pdbx_nonpoly_scheme.asym_id 
_pdbx_nonpoly_scheme.entity_id 
_pdbx_nonpoly_scheme.mon_id 
_pdbx_nonpoly_scheme.ndb_seq_num 
_pdbx_nonpoly_scheme.pdb_seq_num 
_pdbx_nonpoly_scheme.auth_seq_num 
_pdbx_nonpoly_scheme.pdb_mon_id 
_pdbx_nonpoly_scheme.auth_mon_id 
_pdbx_nonpoly_scheme.pdb_strand_id 
_pdbx_nonpoly_scheme.pdb_ins_code 
B 2 ZN  1 801 801 ZN  ZN  A . 
C 2 ZN  1 802 802 ZN  ZN  A . 
D 3 HOH 1 901 1   HOH HOH A . 
D 3 HOH 2 902 2   HOH HOH A . 
D 3 HOH 3 903 3   HOH HOH A . 
D 3 HOH 4 904 4   HOH HOH A . 
D 3 HOH 5 905 5   HOH HOH A . 
D 3 HOH 6 906 6   HOH HOH A . 
D 3 HOH 7 907 7   HOH HOH A . 
D 3 HOH 8 908 8   HOH HOH A . 
D 3 HOH 9 909 9   HOH HOH A . 
# 
loop_
_pdbx_unobs_or_zero_occ_atoms.id 
_pdbx_unobs_or_zero_occ_atoms.PDB_model_num 
_pdbx_unobs_or_zero_occ_atoms.polymer_flag 
_pdbx_unobs_or_zero_occ_atoms.occupancy_flag 
_pdbx_unobs_or_zero_occ_atoms.auth_asym_id 
_pdbx_unobs_or_zero_occ_atoms.auth_comp_id 
_pdbx_unobs_or_zero_occ_atoms.auth_seq_id 
_pdbx_unobs_or_zero_occ_atoms.PDB_ins_code 
_pdbx_unobs_or_zero_occ_atoms.auth_atom_id 
_pdbx_unobs_or_zero_occ_atoms.label_alt_id 
_pdbx_unobs_or_zero_occ_atoms.label_asym_id 
_pdbx_unobs_or_zero_occ_atoms.label_comp_id 
_pdbx_unobs_or_zero_occ_atoms.label_seq_id 
_pdbx_unobs_or_zero_occ_atoms.label_atom_id 
1  1 Y 1 A ASP 632 ? CG  ? A ASP 1  CG  
2  1 Y 1 A ASP 632 ? OD1 ? A ASP 1  OD1 
3  1 Y 1 A ASP 632 ? OD2 ? A ASP 1  OD2 
4  1 Y 1 A ARG 679 ? CG  ? A ARG 48 CG  
5  1 Y 1 A ARG 679 ? CD  ? A ARG 48 CD  
6  1 Y 1 A ARG 679 ? NE  ? A ARG 48 NE  
7  1 Y 1 A ARG 679 ? CZ  ? A ARG 48 CZ  
8  1 Y 1 A ARG 679 ? NH1 ? A ARG 48 NH1 
9  1 Y 1 A ARG 679 ? NH2 ? A ARG 48 NH2 
10 1 Y 1 A ARG 681 ? NH1 ? A ARG 50 NH1 
11 1 Y 1 A ARG 681 ? NH2 ? A ARG 50 NH2 
12 1 Y 1 A LYS 688 ? CG  ? A LYS 57 CG  
13 1 Y 1 A LYS 688 ? CD  ? A LYS 57 CD  
14 1 Y 1 A LYS 688 ? CE  ? A LYS 57 CE  
15 1 Y 1 A LYS 688 ? NZ  ? A LYS 57 NZ  
# 
loop_
_software.name 
_software.classification 
_software.version 
_software.citation_id 
_software.pdbx_ordinal 
CBF:     'data collection' 'VERSION 1.5'                 ? 1 
CBFlib   'data collection' v0.7.8                        ? 2 
PHENIX   'model building'  .                             ? 3 
PHENIX   refinement        '(phenix.refine: 1.8.2_1309)' ? 4 
HKL-3000 'data reduction'  .                             ? 5 
HKL-3000 'data scaling'    .                             ? 6 
PHENIX   phasing           .                             ? 7 
# 
_cell.entry_id           4R7E 
_cell.length_a           56.765 
_cell.length_b           56.765 
_cell.length_c           134.858 
_cell.angle_alpha        90.00 
_cell.angle_beta         90.00 
_cell.angle_gamma        120.00 
_cell.Z_PDB              12 
_cell.pdbx_unique_axis   ? 
_cell.length_a_esd       ? 
_cell.length_b_esd       ? 
_cell.length_c_esd       ? 
_cell.angle_alpha_esd    ? 
_cell.angle_beta_esd     ? 
_cell.angle_gamma_esd    ? 
# 
_symmetry.entry_id                         4R7E 
_symmetry.space_group_name_H-M             'P 61 2 2' 
_symmetry.pdbx_full_space_group_name_H-M   ? 
_symmetry.cell_setting                     ? 
_symmetry.Int_Tables_number                178 
_symmetry.space_group_name_Hall            ? 
# 
_exptl.entry_id          4R7E 
_exptl.method            'X-RAY DIFFRACTION' 
_exptl.crystals_number   1 
# 
_exptl_crystal.id                    1 
_exptl_crystal.density_meas          ? 
_exptl_crystal.density_Matthews      3.98 
_exptl_crystal.density_percent_sol   69.07 
_exptl_crystal.description           ? 
_exptl_crystal.F_000                 ? 
_exptl_crystal.preparation           ? 
# 
_exptl_crystal_grow.crystal_id      1 
_exptl_crystal_grow.method          'VAPOR DIFFUSION, HANGING DROP' 
_exptl_crystal_grow.temp            293 
_exptl_crystal_grow.temp_details    ? 
_exptl_crystal_grow.pH              5.2 
_exptl_crystal_grow.pdbx_pH_range   ? 
_exptl_crystal_grow.pdbx_details    
'2.0 M ammonium sulfate and 0.1 mM sodium acetate, pH 5.2, VAPOR DIFFUSION, HANGING DROP, temperature 293K' 
# 
_diffrn.id                     1 
_diffrn.ambient_temp           200 
_diffrn.ambient_temp_details   ? 
_diffrn.crystal_id             1 
# 
_diffrn_detector.diffrn_id              1 
_diffrn_detector.detector               PIXEL 
_diffrn_detector.type                   'PSI PILATUS 6M' 
_diffrn_detector.pdbx_collection_date   2013-06-28 
_diffrn_detector.details                MIRROR 
# 
_diffrn_radiation.diffrn_id                        1 
_diffrn_radiation.wavelength_id                    1 
_diffrn_radiation.pdbx_monochromatic_or_laue_m_l   M 
_diffrn_radiation.monochromator                    'Silicon sensor' 
_diffrn_radiation.pdbx_diffrn_protocol             'SINGLE WAVELENGTH' 
_diffrn_radiation.pdbx_scattering_type             x-ray 
# 
_diffrn_radiation_wavelength.id           1 
_diffrn_radiation_wavelength.wavelength   1.03 
_diffrn_radiation_wavelength.wt           1.0 
# 
_diffrn_source.diffrn_id                   1 
_diffrn_source.source                      SYNCHROTRON 
_diffrn_source.type                        'APS BEAMLINE 23-ID-D' 
_diffrn_source.pdbx_synchrotron_site       APS 
_diffrn_source.pdbx_synchrotron_beamline   23-ID-D 
_diffrn_source.pdbx_wavelength             ? 
_diffrn_source.pdbx_wavelength_list        1.03 
# 
_reflns.pdbx_diffrn_id               1 
_reflns.pdbx_ordinal                 1 
_reflns.entry_id                     4R7E 
_reflns.observed_criterion_sigma_I   ? 
_reflns.observed_criterion_sigma_F   ? 
_reflns.d_resolution_low             26.16 
_reflns.d_resolution_high            2.25 
_reflns.number_obs                   11396 
_reflns.number_all                   ? 
_reflns.percent_possible_obs         98.85 
_reflns.pdbx_Rmerge_I_obs            ? 
_reflns.pdbx_Rsym_value              ? 
_reflns.pdbx_netI_over_sigmaI        ? 
_reflns.B_iso_Wilson_estimate        ? 
_reflns.pdbx_redundancy              ? 
_reflns.R_free_details               ? 
_reflns.limit_h_max                  ? 
_reflns.limit_h_min                  ? 
_reflns.limit_k_max                  ? 
_reflns.limit_k_min                  ? 
_reflns.limit_l_max                  ? 
_reflns.limit_l_min                  ? 
_reflns.observed_criterion_F_max     ? 
_reflns.observed_criterion_F_min     ? 
_reflns.pdbx_chi_squared             ? 
_reflns.pdbx_scaling_rejects         ? 
# 
_refine.pdbx_refine_id                           'X-RAY DIFFRACTION' 
_refine.entry_id                                 4R7E 
_refine.pdbx_diffrn_id                           1 
_refine.pdbx_TLS_residual_ADP_flag               ? 
_refine.ls_number_reflns_obs                     11395 
_refine.ls_number_reflns_all                     ? 
_refine.pdbx_ls_sigma_I                          ? 
_refine.pdbx_ls_sigma_F                          1.34 
_refine.pdbx_data_cutoff_high_absF               ? 
_refine.pdbx_data_cutoff_low_absF                ? 
_refine.pdbx_data_cutoff_high_rms_absF           ? 
_refine.ls_d_res_low                             26.160 
_refine.ls_d_res_high                            2.251 
_refine.ls_percent_reflns_obs                    98.85 
_refine.ls_R_factor_obs                          0.2231 
_refine.ls_R_factor_all                          ? 
_refine.ls_R_factor_R_work                       0.2205 
_refine.ls_R_factor_R_free                       0.2473 
_refine.ls_R_factor_R_free_error                 ? 
_refine.ls_R_factor_R_free_error_details         ? 
_refine.ls_percent_reflns_R_free                 9.92 
_refine.ls_number_reflns_R_free                  1130 
_refine.ls_number_parameters                     ? 
_refine.ls_number_restraints                     ? 
_refine.occupancy_min                            ? 
_refine.occupancy_max                            ? 
_refine.correlation_coeff_Fo_to_Fc               ? 
_refine.correlation_coeff_Fo_to_Fc_free          ? 
_refine.B_iso_mean                               ? 
_refine.aniso_B[1][1]                            ? 
_refine.aniso_B[2][2]                            ? 
_refine.aniso_B[3][3]                            ? 
_refine.aniso_B[1][2]                            ? 
_refine.aniso_B[1][3]                            ? 
_refine.aniso_B[2][3]                            ? 
_refine.solvent_model_details                    'FLAT BULK SOLVENT MODEL' 
_refine.solvent_model_param_ksol                 ? 
_refine.solvent_model_param_bsol                 ? 
_refine.pdbx_solvent_vdw_probe_radii             1.11 
_refine.pdbx_solvent_ion_probe_radii             ? 
_refine.pdbx_solvent_shrinkage_radii             0.90 
_refine.pdbx_ls_cross_valid_method               ? 
_refine.details                                  ? 
_refine.pdbx_starting_model                      ? 
_refine.pdbx_method_to_determine_struct          'MOLECULAR REPLACEMENT' 
_refine.pdbx_isotropic_thermal_model             ? 
_refine.pdbx_stereochemistry_target_values       ML 
_refine.pdbx_stereochem_target_val_spec_case     ? 
_refine.pdbx_R_Free_selection_details            ? 
_refine.pdbx_overall_ESU_R                       ? 
_refine.pdbx_overall_ESU_R_Free                  ? 
_refine.overall_SU_ML                            0.33 
_refine.pdbx_overall_phase_error                 29.24 
_refine.overall_SU_B                             ? 
_refine.overall_SU_R_Cruickshank_DPI             ? 
_refine.pdbx_overall_SU_R_free_Cruickshank_DPI   ? 
_refine.pdbx_overall_SU_R_Blow_DPI               ? 
_refine.pdbx_overall_SU_R_free_Blow_DPI          ? 
_refine.ls_redundancy_reflns_obs                 ? 
_refine.B_iso_min                                ? 
_refine.B_iso_max                                ? 
_refine.overall_SU_R_free                        ? 
_refine.ls_wR_factor_R_free                      ? 
_refine.ls_wR_factor_R_work                      ? 
_refine.overall_FOM_free_R_set                   ? 
_refine.overall_FOM_work_R_set                   ? 
# 
_refine_hist.pdbx_refine_id                   'X-RAY DIFFRACTION' 
_refine_hist.cycle_id                         LAST 
_refine_hist.pdbx_number_atoms_protein        528 
_refine_hist.pdbx_number_atoms_nucleic_acid   0 
_refine_hist.pdbx_number_atoms_ligand         2 
_refine_hist.number_atoms_solvent             9 
_refine_hist.number_atoms_total               539 
_refine_hist.d_res_high                       2.251 
_refine_hist.d_res_low                        26.160 
# 
loop_
_refine_ls_restr.type 
_refine_ls_restr.dev_ideal 
_refine_ls_restr.dev_ideal_target 
_refine_ls_restr.weight 
_refine_ls_restr.number 
_refine_ls_restr.pdbx_refine_id 
_refine_ls_restr.pdbx_restraint_function 
f_bond_d           0.010  ? ? 536 'X-RAY DIFFRACTION' ? 
f_angle_d          1.236  ? ? 722 'X-RAY DIFFRACTION' ? 
f_dihedral_angle_d 15.892 ? ? 193 'X-RAY DIFFRACTION' ? 
f_chiral_restr     0.046  ? ? 85  'X-RAY DIFFRACTION' ? 
f_plane_restr      0.004  ? ? 90  'X-RAY DIFFRACTION' ? 
# 
loop_
_refine_ls_shell.pdbx_refine_id 
_refine_ls_shell.pdbx_total_number_of_bins_used 
_refine_ls_shell.d_res_high 
_refine_ls_shell.d_res_low 
_refine_ls_shell.number_reflns_R_work 
_refine_ls_shell.R_factor_R_work 
_refine_ls_shell.percent_reflns_obs 
_refine_ls_shell.R_factor_R_free 
_refine_ls_shell.R_factor_R_free_error 
_refine_ls_shell.percent_reflns_R_free 
_refine_ls_shell.number_reflns_R_free 
_refine_ls_shell.number_reflns_all 
_refine_ls_shell.R_factor_all 
_refine_ls_shell.redundancy_reflns_obs 
_refine_ls_shell.number_reflns_obs 
'X-RAY DIFFRACTION' . 2.2513 2.3537  1296 0.3474 100.00 0.3992 . . 153 . . . . 
'X-RAY DIFFRACTION' . 2.3537 2.4777  1292 0.3052 99.00  0.3256 . . 134 . . . . 
'X-RAY DIFFRACTION' . 2.4777 2.6328  1288 0.2862 100.00 0.3072 . . 144 . . . . 
'X-RAY DIFFRACTION' . 2.6328 2.8358  1299 0.2748 100.00 0.2981 . . 149 . . . . 
'X-RAY DIFFRACTION' . 2.8358 3.1208  1281 0.2650 100.00 0.3136 . . 140 . . . . 
'X-RAY DIFFRACTION' . 3.1208 3.5714  1311 0.2451 100.00 0.3343 . . 139 . . . . 
'X-RAY DIFFRACTION' . 3.5714 4.4959  1266 0.1807 98.00  0.2025 . . 140 . . . . 
'X-RAY DIFFRACTION' . 4.4959 26.1613 1232 0.1987 94.00  0.2003 . . 131 . . . . 
# 
_struct.entry_id                  4R7E 
_struct.title                     'Structure of Bre1 RING domain' 
_struct.pdbx_model_details        ? 
_struct.pdbx_CASP_flag            ? 
_struct.pdbx_model_type_details   ? 
# 
_struct_keywords.entry_id        4R7E 
_struct_keywords.pdbx_keywords   LIGASE 
_struct_keywords.text            
'zinc finger domain, E3 ubiquitin ligase, monoubiquitination of histone H2B at K123, Rad6, nucleosome, nucleus, LIGASE' 
# 
loop_
_struct_asym.id 
_struct_asym.pdbx_blank_PDB_chainid_flag 
_struct_asym.pdbx_modified 
_struct_asym.entity_id 
_struct_asym.details 
A N N 1 ? 
B N N 2 ? 
C N N 2 ? 
D N N 3 ? 
# 
_struct_ref.id                         1 
_struct_ref.db_name                    UNP 
_struct_ref.db_code                    BRE1_YEAST 
_struct_ref.pdbx_db_accession          Q07457 
_struct_ref.entity_id                  1 
_struct_ref.pdbx_seq_one_letter_code   DEALVEELANFRTLVYCSLCSKNWKNMAIKTCGHVFCENCCKERLAARMRKCPTCNKAFSSNDLLTVHL 
_struct_ref.pdbx_align_begin           632 
_struct_ref.pdbx_db_isoform            ? 
# 
_struct_ref_seq.align_id                      1 
_struct_ref_seq.ref_id                        1 
_struct_ref_seq.pdbx_PDB_id_code              4R7E 
_struct_ref_seq.pdbx_strand_id                A 
_struct_ref_seq.seq_align_beg                 1 
_struct_ref_seq.pdbx_seq_align_beg_ins_code   ? 
_struct_ref_seq.seq_align_end                 69 
_struct_ref_seq.pdbx_seq_align_end_ins_code   ? 
_struct_ref_seq.pdbx_db_accession             Q07457 
_struct_ref_seq.db_align_beg                  632 
_struct_ref_seq.pdbx_db_align_beg_ins_code    ? 
_struct_ref_seq.db_align_end                  700 
_struct_ref_seq.pdbx_db_align_end_ins_code    ? 
_struct_ref_seq.pdbx_auth_seq_align_beg       632 
_struct_ref_seq.pdbx_auth_seq_align_end       700 
# 
_pdbx_struct_assembly.id                   1 
_pdbx_struct_assembly.details              author_and_software_defined_assembly 
_pdbx_struct_assembly.method_details       PISA 
_pdbx_struct_assembly.oligomeric_details   dimeric 
_pdbx_struct_assembly.oligomeric_count     2 
# 
loop_
_pdbx_struct_assembly_prop.biol_id 
_pdbx_struct_assembly_prop.type 
_pdbx_struct_assembly_prop.value 
_pdbx_struct_assembly_prop.details 
1 'ABSA (A^2)' 2070 ? 
1 MORE         -26  ? 
1 'SSA (A^2)'  8300 ? 
# 
_pdbx_struct_assembly_gen.assembly_id       1 
_pdbx_struct_assembly_gen.oper_expression   1,2 
_pdbx_struct_assembly_gen.asym_id_list      A,B,C,D 
# 
loop_
_pdbx_struct_oper_list.id 
_pdbx_struct_oper_list.type 
_pdbx_struct_oper_list.name 
_pdbx_struct_oper_list.symmetry_operation 
_pdbx_struct_oper_list.matrix[1][1] 
_pdbx_struct_oper_list.matrix[1][2] 
_pdbx_struct_oper_list.matrix[1][3] 
_pdbx_struct_oper_list.vector[1] 
_pdbx_struct_oper_list.matrix[2][1] 
_pdbx_struct_oper_list.matrix[2][2] 
_pdbx_struct_oper_list.matrix[2][3] 
_pdbx_struct_oper_list.vector[2] 
_pdbx_struct_oper_list.matrix[3][1] 
_pdbx_struct_oper_list.matrix[3][2] 
_pdbx_struct_oper_list.matrix[3][3] 
_pdbx_struct_oper_list.vector[3] 
1 'identity operation'         1_555  x,y,z          1.0000000000  0.0000000000  0.0000000000 0.0000000000 0.0000000000  1.0000000000  0.0000000000  0.0000000000  0.0000000000 0.0000000000  1.0000000000 0.0000000000  
2 'crystal symmetry operation' 12_565 x,x-y+1,-z+1/6 -0.4029188923 -0.3781678438 0.8334539268 9.7844371544 -0.3781678438 -0.7604832639 -0.5278771516 14.3765443824 0.8334539268 -0.5278771516 0.1634021562 -0.4863565579 
# 
_struct_biol.id        1 
_struct_biol.details   ? 
# 
loop_
_struct_conf.conf_type_id 
_struct_conf.id 
_struct_conf.pdbx_PDB_helix_id 
_struct_conf.beg_label_comp_id 
_struct_conf.beg_label_asym_id 
_struct_conf.beg_label_seq_id 
_struct_conf.pdbx_beg_PDB_ins_code 
_struct_conf.end_label_comp_id 
_struct_conf.end_label_asym_id 
_struct_conf.end_label_seq_id 
_struct_conf.pdbx_end_PDB_ins_code 
_struct_conf.beg_auth_comp_id 
_struct_conf.beg_auth_asym_id 
_struct_conf.beg_auth_seq_id 
_struct_conf.end_auth_comp_id 
_struct_conf.end_auth_asym_id 
_struct_conf.end_auth_seq_id 
_struct_conf.pdbx_PDB_helix_class 
_struct_conf.details 
_struct_conf.pdbx_PDB_helix_length 
HELX_P HELX_P1 1 ASP A 1  ? TYR A 16 ? ASP A 632 TYR A 647 1 ? 16 
HELX_P HELX_P2 2 CYS A 37 ? ALA A 47 ? CYS A 668 ALA A 678 1 ? 11 
HELX_P HELX_P3 3 SER A 60 ? ASN A 62 ? SER A 691 ASN A 693 5 ? 3  
# 
_struct_conf_type.id          HELX_P 
_struct_conf_type.criteria    ? 
_struct_conf_type.reference   ? 
# 
loop_
_struct_conn.id 
_struct_conn.conn_type_id 
_struct_conn.pdbx_leaving_atom_flag 
_struct_conn.pdbx_PDB_id 
_struct_conn.ptnr1_label_asym_id 
_struct_conn.ptnr1_label_comp_id 
_struct_conn.ptnr1_label_seq_id 
_struct_conn.ptnr1_label_atom_id 
_struct_conn.pdbx_ptnr1_label_alt_id 
_struct_conn.pdbx_ptnr1_PDB_ins_code 
_struct_conn.pdbx_ptnr1_standard_comp_id 
_struct_conn.ptnr1_symmetry 
_struct_conn.ptnr2_label_asym_id 
_struct_conn.ptnr2_label_comp_id 
_struct_conn.ptnr2_label_seq_id 
_struct_conn.ptnr2_label_atom_id 
_struct_conn.pdbx_ptnr2_label_alt_id 
_struct_conn.pdbx_ptnr2_PDB_ins_code 
_struct_conn.ptnr1_auth_asym_id 
_struct_conn.ptnr1_auth_comp_id 
_struct_conn.ptnr1_auth_seq_id 
_struct_conn.ptnr2_auth_asym_id 
_struct_conn.ptnr2_auth_comp_id 
_struct_conn.ptnr2_auth_seq_id 
_struct_conn.ptnr2_symmetry 
_struct_conn.pdbx_ptnr3_label_atom_id 
_struct_conn.pdbx_ptnr3_label_seq_id 
_struct_conn.pdbx_ptnr3_label_comp_id 
_struct_conn.pdbx_ptnr3_label_asym_id 
_struct_conn.pdbx_ptnr3_label_alt_id 
_struct_conn.pdbx_ptnr3_PDB_ins_code 
_struct_conn.details 
_struct_conn.pdbx_dist_value 
_struct_conn.pdbx_value_order 
_struct_conn.pdbx_role 
metalc1 metalc ? ? A CYS 17 SG  ? ? ? 1_555 C ZN . ZN ? ? A CYS 648 A ZN 802 1_555 ? ? ? ? ? ? ? 2.323 ? ? 
metalc2 metalc ? ? A CYS 20 SG  ? ? ? 1_555 C ZN . ZN ? ? A CYS 651 A ZN 802 1_555 ? ? ? ? ? ? ? 2.433 ? ? 
metalc3 metalc ? ? A CYS 32 SG  ? ? ? 1_555 B ZN . ZN ? ? A CYS 663 A ZN 801 1_555 ? ? ? ? ? ? ? 2.186 ? ? 
metalc4 metalc ? ? A HIS 34 ND1 ? ? ? 1_555 B ZN . ZN ? ? A HIS 665 A ZN 801 1_555 ? ? ? ? ? ? ? 1.994 ? ? 
metalc5 metalc ? ? A CYS 37 SG  ? ? ? 1_555 C ZN . ZN ? ? A CYS 668 A ZN 802 1_555 ? ? ? ? ? ? ? 2.322 ? ? 
metalc6 metalc ? ? A CYS 40 SG  ? ? ? 1_555 C ZN . ZN ? ? A CYS 671 A ZN 802 1_555 ? ? ? ? ? ? ? 2.261 ? ? 
metalc7 metalc ? ? A CYS 52 SG  ? ? ? 1_555 B ZN . ZN ? ? A CYS 683 A ZN 801 1_555 ? ? ? ? ? ? ? 2.400 ? ? 
metalc8 metalc ? ? A CYS 55 SG  ? ? ? 1_555 B ZN . ZN ? ? A CYS 686 A ZN 801 1_555 ? ? ? ? ? ? ? 2.506 ? ? 
# 
_struct_conn_type.id          metalc 
_struct_conn_type.criteria    ? 
_struct_conn_type.reference   ? 
# 
loop_
_pdbx_struct_conn_angle.id 
_pdbx_struct_conn_angle.ptnr1_label_atom_id 
_pdbx_struct_conn_angle.ptnr1_label_alt_id 
_pdbx_struct_conn_angle.ptnr1_label_asym_id 
_pdbx_struct_conn_angle.ptnr1_label_comp_id 
_pdbx_struct_conn_angle.ptnr1_label_seq_id 
_pdbx_struct_conn_angle.ptnr1_auth_atom_id 
_pdbx_struct_conn_angle.ptnr1_auth_asym_id 
_pdbx_struct_conn_angle.ptnr1_auth_comp_id 
_pdbx_struct_conn_angle.ptnr1_auth_seq_id 
_pdbx_struct_conn_angle.ptnr1_PDB_ins_code 
_pdbx_struct_conn_angle.ptnr1_symmetry 
_pdbx_struct_conn_angle.ptnr2_label_atom_id 
_pdbx_struct_conn_angle.ptnr2_label_alt_id 
_pdbx_struct_conn_angle.ptnr2_label_asym_id 
_pdbx_struct_conn_angle.ptnr2_label_comp_id 
_pdbx_struct_conn_angle.ptnr2_label_seq_id 
_pdbx_struct_conn_angle.ptnr2_auth_atom_id 
_pdbx_struct_conn_angle.ptnr2_auth_asym_id 
_pdbx_struct_conn_angle.ptnr2_auth_comp_id 
_pdbx_struct_conn_angle.ptnr2_auth_seq_id 
_pdbx_struct_conn_angle.ptnr2_PDB_ins_code 
_pdbx_struct_conn_angle.ptnr2_symmetry 
_pdbx_struct_conn_angle.ptnr3_label_atom_id 
_pdbx_struct_conn_angle.ptnr3_label_alt_id 
_pdbx_struct_conn_angle.ptnr3_label_asym_id 
_pdbx_struct_conn_angle.ptnr3_label_comp_id 
_pdbx_struct_conn_angle.ptnr3_label_seq_id 
_pdbx_struct_conn_angle.ptnr3_auth_atom_id 
_pdbx_struct_conn_angle.ptnr3_auth_asym_id 
_pdbx_struct_conn_angle.ptnr3_auth_comp_id 
_pdbx_struct_conn_angle.ptnr3_auth_seq_id 
_pdbx_struct_conn_angle.ptnr3_PDB_ins_code 
_pdbx_struct_conn_angle.ptnr3_symmetry 
_pdbx_struct_conn_angle.value 
_pdbx_struct_conn_angle.value_esd 
1  SG  ? A CYS 17 ? A CYS 648 ? 1_555 ZN ? C ZN . ? A ZN 802 ? 1_555 SG  ? A CYS 20 ? A CYS 651 ? 1_555 109.9 ? 
2  SG  ? A CYS 17 ? A CYS 648 ? 1_555 ZN ? C ZN . ? A ZN 802 ? 1_555 SG  ? A CYS 37 ? A CYS 668 ? 1_555 115.0 ? 
3  SG  ? A CYS 20 ? A CYS 651 ? 1_555 ZN ? C ZN . ? A ZN 802 ? 1_555 SG  ? A CYS 37 ? A CYS 668 ? 1_555 105.7 ? 
4  SG  ? A CYS 17 ? A CYS 648 ? 1_555 ZN ? C ZN . ? A ZN 802 ? 1_555 SG  ? A CYS 40 ? A CYS 671 ? 1_555 113.3 ? 
5  SG  ? A CYS 20 ? A CYS 651 ? 1_555 ZN ? C ZN . ? A ZN 802 ? 1_555 SG  ? A CYS 40 ? A CYS 671 ? 1_555 109.9 ? 
6  SG  ? A CYS 37 ? A CYS 668 ? 1_555 ZN ? C ZN . ? A ZN 802 ? 1_555 SG  ? A CYS 40 ? A CYS 671 ? 1_555 102.6 ? 
7  SG  ? A CYS 32 ? A CYS 663 ? 1_555 ZN ? B ZN . ? A ZN 801 ? 1_555 ND1 ? A HIS 34 ? A HIS 665 ? 1_555 114.4 ? 
8  SG  ? A CYS 32 ? A CYS 663 ? 1_555 ZN ? B ZN . ? A ZN 801 ? 1_555 SG  ? A CYS 52 ? A CYS 683 ? 1_555 110.1 ? 
9  ND1 ? A HIS 34 ? A HIS 665 ? 1_555 ZN ? B ZN . ? A ZN 801 ? 1_555 SG  ? A CYS 52 ? A CYS 683 ? 1_555 108.1 ? 
10 SG  ? A CYS 32 ? A CYS 663 ? 1_555 ZN ? B ZN . ? A ZN 801 ? 1_555 SG  ? A CYS 55 ? A CYS 686 ? 1_555 112.1 ? 
11 ND1 ? A HIS 34 ? A HIS 665 ? 1_555 ZN ? B ZN . ? A ZN 801 ? 1_555 SG  ? A CYS 55 ? A CYS 686 ? 1_555 103.2 ? 
12 SG  ? A CYS 52 ? A CYS 683 ? 1_555 ZN ? B ZN . ? A ZN 801 ? 1_555 SG  ? A CYS 55 ? A CYS 686 ? 1_555 108.5 ? 
# 
_struct_sheet.id               A 
_struct_sheet.type             ? 
_struct_sheet.number_strands   3 
_struct_sheet.details          ? 
# 
loop_
_struct_sheet_order.sheet_id 
_struct_sheet_order.range_id_1 
_struct_sheet_order.range_id_2 
_struct_sheet_order.offset 
_struct_sheet_order.sense 
A 1 2 ? anti-parallel 
A 2 3 ? anti-parallel 
# 
loop_
_struct_sheet_range.sheet_id 
_struct_sheet_range.id 
_struct_sheet_range.beg_label_comp_id 
_struct_sheet_range.beg_label_asym_id 
_struct_sheet_range.beg_label_seq_id 
_struct_sheet_range.pdbx_beg_PDB_ins_code 
_struct_sheet_range.end_label_comp_id 
_struct_sheet_range.end_label_asym_id 
_struct_sheet_range.end_label_seq_id 
_struct_sheet_range.pdbx_end_PDB_ins_code 
_struct_sheet_range.beg_auth_comp_id 
_struct_sheet_range.beg_auth_asym_id 
_struct_sheet_range.beg_auth_seq_id 
_struct_sheet_range.end_auth_comp_id 
_struct_sheet_range.end_auth_asym_id 
_struct_sheet_range.end_auth_seq_id 
A 1 VAL A 35 ? PHE A 36 ? VAL A 666 PHE A 667 
A 2 MET A 27 ? ILE A 29 ? MET A 658 ILE A 660 
A 3 LEU A 64 ? THR A 66 ? LEU A 695 THR A 697 
# 
loop_
_pdbx_struct_sheet_hbond.sheet_id 
_pdbx_struct_sheet_hbond.range_id_1 
_pdbx_struct_sheet_hbond.range_id_2 
_pdbx_struct_sheet_hbond.range_1_label_atom_id 
_pdbx_struct_sheet_hbond.range_1_label_comp_id 
_pdbx_struct_sheet_hbond.range_1_label_asym_id 
_pdbx_struct_sheet_hbond.range_1_label_seq_id 
_pdbx_struct_sheet_hbond.range_1_PDB_ins_code 
_pdbx_struct_sheet_hbond.range_1_auth_atom_id 
_pdbx_struct_sheet_hbond.range_1_auth_comp_id 
_pdbx_struct_sheet_hbond.range_1_auth_asym_id 
_pdbx_struct_sheet_hbond.range_1_auth_seq_id 
_pdbx_struct_sheet_hbond.range_2_label_atom_id 
_pdbx_struct_sheet_hbond.range_2_label_comp_id 
_pdbx_struct_sheet_hbond.range_2_label_asym_id 
_pdbx_struct_sheet_hbond.range_2_label_seq_id 
_pdbx_struct_sheet_hbond.range_2_PDB_ins_code 
_pdbx_struct_sheet_hbond.range_2_auth_atom_id 
_pdbx_struct_sheet_hbond.range_2_auth_comp_id 
_pdbx_struct_sheet_hbond.range_2_auth_asym_id 
_pdbx_struct_sheet_hbond.range_2_auth_seq_id 
A 1 2 O PHE A 36 ? O PHE A 667 N MET A 27 ? N MET A 658 
A 2 3 N ALA A 28 ? N ALA A 659 O LEU A 65 ? O LEU A 696 
# 
loop_
_struct_site.id 
_struct_site.pdbx_evidence_code 
_struct_site.pdbx_auth_asym_id 
_struct_site.pdbx_auth_comp_id 
_struct_site.pdbx_auth_seq_id 
_struct_site.pdbx_auth_ins_code 
_struct_site.pdbx_num_residues 
_struct_site.details 
AC1 Software A ZN 801 ? 4 'BINDING SITE FOR RESIDUE ZN A 801' 
AC2 Software A ZN 802 ? 4 'BINDING SITE FOR RESIDUE ZN A 802' 
# 
loop_
_struct_site_gen.id 
_struct_site_gen.site_id 
_struct_site_gen.pdbx_num_res 
_struct_site_gen.label_comp_id 
_struct_site_gen.label_asym_id 
_struct_site_gen.label_seq_id 
_struct_site_gen.pdbx_auth_ins_code 
_struct_site_gen.auth_comp_id 
_struct_site_gen.auth_asym_id 
_struct_site_gen.auth_seq_id 
_struct_site_gen.label_atom_id 
_struct_site_gen.label_alt_id 
_struct_site_gen.symmetry 
_struct_site_gen.details 
1 AC1 4 CYS A 32 ? CYS A 663 . ? 1_555 ? 
2 AC1 4 HIS A 34 ? HIS A 665 . ? 1_555 ? 
3 AC1 4 CYS A 52 ? CYS A 683 . ? 1_555 ? 
4 AC1 4 CYS A 55 ? CYS A 686 . ? 1_555 ? 
5 AC2 4 CYS A 17 ? CYS A 648 . ? 1_555 ? 
6 AC2 4 CYS A 20 ? CYS A 651 . ? 1_555 ? 
7 AC2 4 CYS A 37 ? CYS A 668 . ? 1_555 ? 
8 AC2 4 CYS A 40 ? CYS A 671 . ? 1_555 ? 
# 
_pdbx_validate_torsion.id              1 
_pdbx_validate_torsion.PDB_model_num   1 
_pdbx_validate_torsion.auth_comp_id    ASN 
_pdbx_validate_torsion.auth_asym_id    A 
_pdbx_validate_torsion.auth_seq_id     657 
_pdbx_validate_torsion.PDB_ins_code    ? 
_pdbx_validate_torsion.label_alt_id    ? 
_pdbx_validate_torsion.phi             -153.21 
_pdbx_validate_torsion.psi             17.54 
# 
loop_
_chem_comp_atom.comp_id 
_chem_comp_atom.atom_id 
_chem_comp_atom.type_symbol 
_chem_comp_atom.pdbx_aromatic_flag 
_chem_comp_atom.pdbx_stereo_config 
_chem_comp_atom.pdbx_ordinal 
ALA N    N  N N 1   
ALA CA   C  N S 2   
ALA C    C  N N 3   
ALA O    O  N N 4   
ALA CB   C  N N 5   
ALA OXT  O  N N 6   
ALA H    H  N N 7   
ALA H2   H  N N 8   
ALA HA   H  N N 9   
ALA HB1  H  N N 10  
ALA HB2  H  N N 11  
ALA HB3  H  N N 12  
ALA HXT  H  N N 13  
ARG N    N  N N 14  
ARG CA   C  N S 15  
ARG C    C  N N 16  
ARG O    O  N N 17  
ARG CB   C  N N 18  
ARG CG   C  N N 19  
ARG CD   C  N N 20  
ARG NE   N  N N 21  
ARG CZ   C  N N 22  
ARG NH1  N  N N 23  
ARG NH2  N  N N 24  
ARG OXT  O  N N 25  
ARG H    H  N N 26  
ARG H2   H  N N 27  
ARG HA   H  N N 28  
ARG HB2  H  N N 29  
ARG HB3  H  N N 30  
ARG HG2  H  N N 31  
ARG HG3  H  N N 32  
ARG HD2  H  N N 33  
ARG HD3  H  N N 34  
ARG HE   H  N N 35  
ARG HH11 H  N N 36  
ARG HH12 H  N N 37  
ARG HH21 H  N N 38  
ARG HH22 H  N N 39  
ARG HXT  H  N N 40  
ASN N    N  N N 41  
ASN CA   C  N S 42  
ASN C    C  N N 43  
ASN O    O  N N 44  
ASN CB   C  N N 45  
ASN CG   C  N N 46  
ASN OD1  O  N N 47  
ASN ND2  N  N N 48  
ASN OXT  O  N N 49  
ASN H    H  N N 50  
ASN H2   H  N N 51  
ASN HA   H  N N 52  
ASN HB2  H  N N 53  
ASN HB3  H  N N 54  
ASN HD21 H  N N 55  
ASN HD22 H  N N 56  
ASN HXT  H  N N 57  
ASP N    N  N N 58  
ASP CA   C  N S 59  
ASP C    C  N N 60  
ASP O    O  N N 61  
ASP CB   C  N N 62  
ASP CG   C  N N 63  
ASP OD1  O  N N 64  
ASP OD2  O  N N 65  
ASP OXT  O  N N 66  
ASP H    H  N N 67  
ASP H2   H  N N 68  
ASP HA   H  N N 69  
ASP HB2  H  N N 70  
ASP HB3  H  N N 71  
ASP HD2  H  N N 72  
ASP HXT  H  N N 73  
CYS N    N  N N 74  
CYS CA   C  N R 75  
CYS C    C  N N 76  
CYS O    O  N N 77  
CYS CB   C  N N 78  
CYS SG   S  N N 79  
CYS OXT  O  N N 80  
CYS H    H  N N 81  
CYS H2   H  N N 82  
CYS HA   H  N N 83  
CYS HB2  H  N N 84  
CYS HB3  H  N N 85  
CYS HG   H  N N 86  
CYS HXT  H  N N 87  
GLU N    N  N N 88  
GLU CA   C  N S 89  
GLU C    C  N N 90  
GLU O    O  N N 91  
GLU CB   C  N N 92  
GLU CG   C  N N 93  
GLU CD   C  N N 94  
GLU OE1  O  N N 95  
GLU OE2  O  N N 96  
GLU OXT  O  N N 97  
GLU H    H  N N 98  
GLU H2   H  N N 99  
GLU HA   H  N N 100 
GLU HB2  H  N N 101 
GLU HB3  H  N N 102 
GLU HG2  H  N N 103 
GLU HG3  H  N N 104 
GLU HE2  H  N N 105 
GLU HXT  H  N N 106 
GLY N    N  N N 107 
GLY CA   C  N N 108 
GLY C    C  N N 109 
GLY O    O  N N 110 
GLY OXT  O  N N 111 
GLY H    H  N N 112 
GLY H2   H  N N 113 
GLY HA2  H  N N 114 
GLY HA3  H  N N 115 
GLY HXT  H  N N 116 
HIS N    N  N N 117 
HIS CA   C  N S 118 
HIS C    C  N N 119 
HIS O    O  N N 120 
HIS CB   C  N N 121 
HIS CG   C  Y N 122 
HIS ND1  N  Y N 123 
HIS CD2  C  Y N 124 
HIS CE1  C  Y N 125 
HIS NE2  N  Y N 126 
HIS OXT  O  N N 127 
HIS H    H  N N 128 
HIS H2   H  N N 129 
HIS HA   H  N N 130 
HIS HB2  H  N N 131 
HIS HB3  H  N N 132 
HIS HD1  H  N N 133 
HIS HD2  H  N N 134 
HIS HE1  H  N N 135 
HIS HE2  H  N N 136 
HIS HXT  H  N N 137 
HOH O    O  N N 138 
HOH H1   H  N N 139 
HOH H2   H  N N 140 
ILE N    N  N N 141 
ILE CA   C  N S 142 
ILE C    C  N N 143 
ILE O    O  N N 144 
ILE CB   C  N S 145 
ILE CG1  C  N N 146 
ILE CG2  C  N N 147 
ILE CD1  C  N N 148 
ILE OXT  O  N N 149 
ILE H    H  N N 150 
ILE H2   H  N N 151 
ILE HA   H  N N 152 
ILE HB   H  N N 153 
ILE HG12 H  N N 154 
ILE HG13 H  N N 155 
ILE HG21 H  N N 156 
ILE HG22 H  N N 157 
ILE HG23 H  N N 158 
ILE HD11 H  N N 159 
ILE HD12 H  N N 160 
ILE HD13 H  N N 161 
ILE HXT  H  N N 162 
LEU N    N  N N 163 
LEU CA   C  N S 164 
LEU C    C  N N 165 
LEU O    O  N N 166 
LEU CB   C  N N 167 
LEU CG   C  N N 168 
LEU CD1  C  N N 169 
LEU CD2  C  N N 170 
LEU OXT  O  N N 171 
LEU H    H  N N 172 
LEU H2   H  N N 173 
LEU HA   H  N N 174 
LEU HB2  H  N N 175 
LEU HB3  H  N N 176 
LEU HG   H  N N 177 
LEU HD11 H  N N 178 
LEU HD12 H  N N 179 
LEU HD13 H  N N 180 
LEU HD21 H  N N 181 
LEU HD22 H  N N 182 
LEU HD23 H  N N 183 
LEU HXT  H  N N 184 
LYS N    N  N N 185 
LYS CA   C  N S 186 
LYS C    C  N N 187 
LYS O    O  N N 188 
LYS CB   C  N N 189 
LYS CG   C  N N 190 
LYS CD   C  N N 191 
LYS CE   C  N N 192 
LYS NZ   N  N N 193 
LYS OXT  O  N N 194 
LYS H    H  N N 195 
LYS H2   H  N N 196 
LYS HA   H  N N 197 
LYS HB2  H  N N 198 
LYS HB3  H  N N 199 
LYS HG2  H  N N 200 
LYS HG3  H  N N 201 
LYS HD2  H  N N 202 
LYS HD3  H  N N 203 
LYS HE2  H  N N 204 
LYS HE3  H  N N 205 
LYS HZ1  H  N N 206 
LYS HZ2  H  N N 207 
LYS HZ3  H  N N 208 
LYS HXT  H  N N 209 
MET N    N  N N 210 
MET CA   C  N S 211 
MET C    C  N N 212 
MET O    O  N N 213 
MET CB   C  N N 214 
MET CG   C  N N 215 
MET SD   S  N N 216 
MET CE   C  N N 217 
MET OXT  O  N N 218 
MET H    H  N N 219 
MET H2   H  N N 220 
MET HA   H  N N 221 
MET HB2  H  N N 222 
MET HB3  H  N N 223 
MET HG2  H  N N 224 
MET HG3  H  N N 225 
MET HE1  H  N N 226 
MET HE2  H  N N 227 
MET HE3  H  N N 228 
MET HXT  H  N N 229 
PHE N    N  N N 230 
PHE CA   C  N S 231 
PHE C    C  N N 232 
PHE O    O  N N 233 
PHE CB   C  N N 234 
PHE CG   C  Y N 235 
PHE CD1  C  Y N 236 
PHE CD2  C  Y N 237 
PHE CE1  C  Y N 238 
PHE CE2  C  Y N 239 
PHE CZ   C  Y N 240 
PHE OXT  O  N N 241 
PHE H    H  N N 242 
PHE H2   H  N N 243 
PHE HA   H  N N 244 
PHE HB2  H  N N 245 
PHE HB3  H  N N 246 
PHE HD1  H  N N 247 
PHE HD2  H  N N 248 
PHE HE1  H  N N 249 
PHE HE2  H  N N 250 
PHE HZ   H  N N 251 
PHE HXT  H  N N 252 
PRO N    N  N N 253 
PRO CA   C  N S 254 
PRO C    C  N N 255 
PRO O    O  N N 256 
PRO CB   C  N N 257 
PRO CG   C  N N 258 
PRO CD   C  N N 259 
PRO OXT  O  N N 260 
PRO H    H  N N 261 
PRO HA   H  N N 262 
PRO HB2  H  N N 263 
PRO HB3  H  N N 264 
PRO HG2  H  N N 265 
PRO HG3  H  N N 266 
PRO HD2  H  N N 267 
PRO HD3  H  N N 268 
PRO HXT  H  N N 269 
SER N    N  N N 270 
SER CA   C  N S 271 
SER C    C  N N 272 
SER O    O  N N 273 
SER CB   C  N N 274 
SER OG   O  N N 275 
SER OXT  O  N N 276 
SER H    H  N N 277 
SER H2   H  N N 278 
SER HA   H  N N 279 
SER HB2  H  N N 280 
SER HB3  H  N N 281 
SER HG   H  N N 282 
SER HXT  H  N N 283 
THR N    N  N N 284 
THR CA   C  N S 285 
THR C    C  N N 286 
THR O    O  N N 287 
THR CB   C  N R 288 
THR OG1  O  N N 289 
THR CG2  C  N N 290 
THR OXT  O  N N 291 
THR H    H  N N 292 
THR H2   H  N N 293 
THR HA   H  N N 294 
THR HB   H  N N 295 
THR HG1  H  N N 296 
THR HG21 H  N N 297 
THR HG22 H  N N 298 
THR HG23 H  N N 299 
THR HXT  H  N N 300 
TRP N    N  N N 301 
TRP CA   C  N S 302 
TRP C    C  N N 303 
TRP O    O  N N 304 
TRP CB   C  N N 305 
TRP CG   C  Y N 306 
TRP CD1  C  Y N 307 
TRP CD2  C  Y N 308 
TRP NE1  N  Y N 309 
TRP CE2  C  Y N 310 
TRP CE3  C  Y N 311 
TRP CZ2  C  Y N 312 
TRP CZ3  C  Y N 313 
TRP CH2  C  Y N 314 
TRP OXT  O  N N 315 
TRP H    H  N N 316 
TRP H2   H  N N 317 
TRP HA   H  N N 318 
TRP HB2  H  N N 319 
TRP HB3  H  N N 320 
TRP HD1  H  N N 321 
TRP HE1  H  N N 322 
TRP HE3  H  N N 323 
TRP HZ2  H  N N 324 
TRP HZ3  H  N N 325 
TRP HH2  H  N N 326 
TRP HXT  H  N N 327 
TYR N    N  N N 328 
TYR CA   C  N S 329 
TYR C    C  N N 330 
TYR O    O  N N 331 
TYR CB   C  N N 332 
TYR CG   C  Y N 333 
TYR CD1  C  Y N 334 
TYR CD2  C  Y N 335 
TYR CE1  C  Y N 336 
TYR CE2  C  Y N 337 
TYR CZ   C  Y N 338 
TYR OH   O  N N 339 
TYR OXT  O  N N 340 
TYR H    H  N N 341 
TYR H2   H  N N 342 
TYR HA   H  N N 343 
TYR HB2  H  N N 344 
TYR HB3  H  N N 345 
TYR HD1  H  N N 346 
TYR HD2  H  N N 347 
TYR HE1  H  N N 348 
TYR HE2  H  N N 349 
TYR HH   H  N N 350 
TYR HXT  H  N N 351 
VAL N    N  N N 352 
VAL CA   C  N S 353 
VAL C    C  N N 354 
VAL O    O  N N 355 
VAL CB   C  N N 356 
VAL CG1  C  N N 357 
VAL CG2  C  N N 358 
VAL OXT  O  N N 359 
VAL H    H  N N 360 
VAL H2   H  N N 361 
VAL HA   H  N N 362 
VAL HB   H  N N 363 
VAL HG11 H  N N 364 
VAL HG12 H  N N 365 
VAL HG13 H  N N 366 
VAL HG21 H  N N 367 
VAL HG22 H  N N 368 
VAL HG23 H  N N 369 
VAL HXT  H  N N 370 
ZN  ZN   ZN N N 371 
# 
loop_
_chem_comp_bond.comp_id 
_chem_comp_bond.atom_id_1 
_chem_comp_bond.atom_id_2 
_chem_comp_bond.value_order 
_chem_comp_bond.pdbx_aromatic_flag 
_chem_comp_bond.pdbx_stereo_config 
_chem_comp_bond.pdbx_ordinal 
ALA N   CA   sing N N 1   
ALA N   H    sing N N 2   
ALA N   H2   sing N N 3   
ALA CA  C    sing N N 4   
ALA CA  CB   sing N N 5   
ALA CA  HA   sing N N 6   
ALA C   O    doub N N 7   
ALA C   OXT  sing N N 8   
ALA CB  HB1  sing N N 9   
ALA CB  HB2  sing N N 10  
ALA CB  HB3  sing N N 11  
ALA OXT HXT  sing N N 12  
ARG N   CA   sing N N 13  
ARG N   H    sing N N 14  
ARG N   H2   sing N N 15  
ARG CA  C    sing N N 16  
ARG CA  CB   sing N N 17  
ARG CA  HA   sing N N 18  
ARG C   O    doub N N 19  
ARG C   OXT  sing N N 20  
ARG CB  CG   sing N N 21  
ARG CB  HB2  sing N N 22  
ARG CB  HB3  sing N N 23  
ARG CG  CD   sing N N 24  
ARG CG  HG2  sing N N 25  
ARG CG  HG3  sing N N 26  
ARG CD  NE   sing N N 27  
ARG CD  HD2  sing N N 28  
ARG CD  HD3  sing N N 29  
ARG NE  CZ   sing N N 30  
ARG NE  HE   sing N N 31  
ARG CZ  NH1  sing N N 32  
ARG CZ  NH2  doub N N 33  
ARG NH1 HH11 sing N N 34  
ARG NH1 HH12 sing N N 35  
ARG NH2 HH21 sing N N 36  
ARG NH2 HH22 sing N N 37  
ARG OXT HXT  sing N N 38  
ASN N   CA   sing N N 39  
ASN N   H    sing N N 40  
ASN N   H2   sing N N 41  
ASN CA  C    sing N N 42  
ASN CA  CB   sing N N 43  
ASN CA  HA   sing N N 44  
ASN C   O    doub N N 45  
ASN C   OXT  sing N N 46  
ASN CB  CG   sing N N 47  
ASN CB  HB2  sing N N 48  
ASN CB  HB3  sing N N 49  
ASN CG  OD1  doub N N 50  
ASN CG  ND2  sing N N 51  
ASN ND2 HD21 sing N N 52  
ASN ND2 HD22 sing N N 53  
ASN OXT HXT  sing N N 54  
ASP N   CA   sing N N 55  
ASP N   H    sing N N 56  
ASP N   H2   sing N N 57  
ASP CA  C    sing N N 58  
ASP CA  CB   sing N N 59  
ASP CA  HA   sing N N 60  
ASP C   O    doub N N 61  
ASP C   OXT  sing N N 62  
ASP CB  CG   sing N N 63  
ASP CB  HB2  sing N N 64  
ASP CB  HB3  sing N N 65  
ASP CG  OD1  doub N N 66  
ASP CG  OD2  sing N N 67  
ASP OD2 HD2  sing N N 68  
ASP OXT HXT  sing N N 69  
CYS N   CA   sing N N 70  
CYS N   H    sing N N 71  
CYS N   H2   sing N N 72  
CYS CA  C    sing N N 73  
CYS CA  CB   sing N N 74  
CYS CA  HA   sing N N 75  
CYS C   O    doub N N 76  
CYS C   OXT  sing N N 77  
CYS CB  SG   sing N N 78  
CYS CB  HB2  sing N N 79  
CYS CB  HB3  sing N N 80  
CYS SG  HG   sing N N 81  
CYS OXT HXT  sing N N 82  
GLU N   CA   sing N N 83  
GLU N   H    sing N N 84  
GLU N   H2   sing N N 85  
GLU CA  C    sing N N 86  
GLU CA  CB   sing N N 87  
GLU CA  HA   sing N N 88  
GLU C   O    doub N N 89  
GLU C   OXT  sing N N 90  
GLU CB  CG   sing N N 91  
GLU CB  HB2  sing N N 92  
GLU CB  HB3  sing N N 93  
GLU CG  CD   sing N N 94  
GLU CG  HG2  sing N N 95  
GLU CG  HG3  sing N N 96  
GLU CD  OE1  doub N N 97  
GLU CD  OE2  sing N N 98  
GLU OE2 HE2  sing N N 99  
GLU OXT HXT  sing N N 100 
GLY N   CA   sing N N 101 
GLY N   H    sing N N 102 
GLY N   H2   sing N N 103 
GLY CA  C    sing N N 104 
GLY CA  HA2  sing N N 105 
GLY CA  HA3  sing N N 106 
GLY C   O    doub N N 107 
GLY C   OXT  sing N N 108 
GLY OXT HXT  sing N N 109 
HIS N   CA   sing N N 110 
HIS N   H    sing N N 111 
HIS N   H2   sing N N 112 
HIS CA  C    sing N N 113 
HIS CA  CB   sing N N 114 
HIS CA  HA   sing N N 115 
HIS C   O    doub N N 116 
HIS C   OXT  sing N N 117 
HIS CB  CG   sing N N 118 
HIS CB  HB2  sing N N 119 
HIS CB  HB3  sing N N 120 
HIS CG  ND1  sing Y N 121 
HIS CG  CD2  doub Y N 122 
HIS ND1 CE1  doub Y N 123 
HIS ND1 HD1  sing N N 124 
HIS CD2 NE2  sing Y N 125 
HIS CD2 HD2  sing N N 126 
HIS CE1 NE2  sing Y N 127 
HIS CE1 HE1  sing N N 128 
HIS NE2 HE2  sing N N 129 
HIS OXT HXT  sing N N 130 
HOH O   H1   sing N N 131 
HOH O   H2   sing N N 132 
ILE N   CA   sing N N 133 
ILE N   H    sing N N 134 
ILE N   H2   sing N N 135 
ILE CA  C    sing N N 136 
ILE CA  CB   sing N N 137 
ILE CA  HA   sing N N 138 
ILE C   O    doub N N 139 
ILE C   OXT  sing N N 140 
ILE CB  CG1  sing N N 141 
ILE CB  CG2  sing N N 142 
ILE CB  HB   sing N N 143 
ILE CG1 CD1  sing N N 144 
ILE CG1 HG12 sing N N 145 
ILE CG1 HG13 sing N N 146 
ILE CG2 HG21 sing N N 147 
ILE CG2 HG22 sing N N 148 
ILE CG2 HG23 sing N N 149 
ILE CD1 HD11 sing N N 150 
ILE CD1 HD12 sing N N 151 
ILE CD1 HD13 sing N N 152 
ILE OXT HXT  sing N N 153 
LEU N   CA   sing N N 154 
LEU N   H    sing N N 155 
LEU N   H2   sing N N 156 
LEU CA  C    sing N N 157 
LEU CA  CB   sing N N 158 
LEU CA  HA   sing N N 159 
LEU C   O    doub N N 160 
LEU C   OXT  sing N N 161 
LEU CB  CG   sing N N 162 
LEU CB  HB2  sing N N 163 
LEU CB  HB3  sing N N 164 
LEU CG  CD1  sing N N 165 
LEU CG  CD2  sing N N 166 
LEU CG  HG   sing N N 167 
LEU CD1 HD11 sing N N 168 
LEU CD1 HD12 sing N N 169 
LEU CD1 HD13 sing N N 170 
LEU CD2 HD21 sing N N 171 
LEU CD2 HD22 sing N N 172 
LEU CD2 HD23 sing N N 173 
LEU OXT HXT  sing N N 174 
LYS N   CA   sing N N 175 
LYS N   H    sing N N 176 
LYS N   H2   sing N N 177 
LYS CA  C    sing N N 178 
LYS CA  CB   sing N N 179 
LYS CA  HA   sing N N 180 
LYS C   O    doub N N 181 
LYS C   OXT  sing N N 182 
LYS CB  CG   sing N N 183 
LYS CB  HB2  sing N N 184 
LYS CB  HB3  sing N N 185 
LYS CG  CD   sing N N 186 
LYS CG  HG2  sing N N 187 
LYS CG  HG3  sing N N 188 
LYS CD  CE   sing N N 189 
LYS CD  HD2  sing N N 190 
LYS CD  HD3  sing N N 191 
LYS CE  NZ   sing N N 192 
LYS CE  HE2  sing N N 193 
LYS CE  HE3  sing N N 194 
LYS NZ  HZ1  sing N N 195 
LYS NZ  HZ2  sing N N 196 
LYS NZ  HZ3  sing N N 197 
LYS OXT HXT  sing N N 198 
MET N   CA   sing N N 199 
MET N   H    sing N N 200 
MET N   H2   sing N N 201 
MET CA  C    sing N N 202 
MET CA  CB   sing N N 203 
MET CA  HA   sing N N 204 
MET C   O    doub N N 205 
MET C   OXT  sing N N 206 
MET CB  CG   sing N N 207 
MET CB  HB2  sing N N 208 
MET CB  HB3  sing N N 209 
MET CG  SD   sing N N 210 
MET CG  HG2  sing N N 211 
MET CG  HG3  sing N N 212 
MET SD  CE   sing N N 213 
MET CE  HE1  sing N N 214 
MET CE  HE2  sing N N 215 
MET CE  HE3  sing N N 216 
MET OXT HXT  sing N N 217 
PHE N   CA   sing N N 218 
PHE N   H    sing N N 219 
PHE N   H2   sing N N 220 
PHE CA  C    sing N N 221 
PHE CA  CB   sing N N 222 
PHE CA  HA   sing N N 223 
PHE C   O    doub N N 224 
PHE C   OXT  sing N N 225 
PHE CB  CG   sing N N 226 
PHE CB  HB2  sing N N 227 
PHE CB  HB3  sing N N 228 
PHE CG  CD1  doub Y N 229 
PHE CG  CD2  sing Y N 230 
PHE CD1 CE1  sing Y N 231 
PHE CD1 HD1  sing N N 232 
PHE CD2 CE2  doub Y N 233 
PHE CD2 HD2  sing N N 234 
PHE CE1 CZ   doub Y N 235 
PHE CE1 HE1  sing N N 236 
PHE CE2 CZ   sing Y N 237 
PHE CE2 HE2  sing N N 238 
PHE CZ  HZ   sing N N 239 
PHE OXT HXT  sing N N 240 
PRO N   CA   sing N N 241 
PRO N   CD   sing N N 242 
PRO N   H    sing N N 243 
PRO CA  C    sing N N 244 
PRO CA  CB   sing N N 245 
PRO CA  HA   sing N N 246 
PRO C   O    doub N N 247 
PRO C   OXT  sing N N 248 
PRO CB  CG   sing N N 249 
PRO CB  HB2  sing N N 250 
PRO CB  HB3  sing N N 251 
PRO CG  CD   sing N N 252 
PRO CG  HG2  sing N N 253 
PRO CG  HG3  sing N N 254 
PRO CD  HD2  sing N N 255 
PRO CD  HD3  sing N N 256 
PRO OXT HXT  sing N N 257 
SER N   CA   sing N N 258 
SER N   H    sing N N 259 
SER N   H2   sing N N 260 
SER CA  C    sing N N 261 
SER CA  CB   sing N N 262 
SER CA  HA   sing N N 263 
SER C   O    doub N N 264 
SER C   OXT  sing N N 265 
SER CB  OG   sing N N 266 
SER CB  HB2  sing N N 267 
SER CB  HB3  sing N N 268 
SER OG  HG   sing N N 269 
SER OXT HXT  sing N N 270 
THR N   CA   sing N N 271 
THR N   H    sing N N 272 
THR N   H2   sing N N 273 
THR CA  C    sing N N 274 
THR CA  CB   sing N N 275 
THR CA  HA   sing N N 276 
THR C   O    doub N N 277 
THR C   OXT  sing N N 278 
THR CB  OG1  sing N N 279 
THR CB  CG2  sing N N 280 
THR CB  HB   sing N N 281 
THR OG1 HG1  sing N N 282 
THR CG2 HG21 sing N N 283 
THR CG2 HG22 sing N N 284 
THR CG2 HG23 sing N N 285 
THR OXT HXT  sing N N 286 
TRP N   CA   sing N N 287 
TRP N   H    sing N N 288 
TRP N   H2   sing N N 289 
TRP CA  C    sing N N 290 
TRP CA  CB   sing N N 291 
TRP CA  HA   sing N N 292 
TRP C   O    doub N N 293 
TRP C   OXT  sing N N 294 
TRP CB  CG   sing N N 295 
TRP CB  HB2  sing N N 296 
TRP CB  HB3  sing N N 297 
TRP CG  CD1  doub Y N 298 
TRP CG  CD2  sing Y N 299 
TRP CD1 NE1  sing Y N 300 
TRP CD1 HD1  sing N N 301 
TRP CD2 CE2  doub Y N 302 
TRP CD2 CE3  sing Y N 303 
TRP NE1 CE2  sing Y N 304 
TRP NE1 HE1  sing N N 305 
TRP CE2 CZ2  sing Y N 306 
TRP CE3 CZ3  doub Y N 307 
TRP CE3 HE3  sing N N 308 
TRP CZ2 CH2  doub Y N 309 
TRP CZ2 HZ2  sing N N 310 
TRP CZ3 CH2  sing Y N 311 
TRP CZ3 HZ3  sing N N 312 
TRP CH2 HH2  sing N N 313 
TRP OXT HXT  sing N N 314 
TYR N   CA   sing N N 315 
TYR N   H    sing N N 316 
TYR N   H2   sing N N 317 
TYR CA  C    sing N N 318 
TYR CA  CB   sing N N 319 
TYR CA  HA   sing N N 320 
TYR C   O    doub N N 321 
TYR C   OXT  sing N N 322 
TYR CB  CG   sing N N 323 
TYR CB  HB2  sing N N 324 
TYR CB  HB3  sing N N 325 
TYR CG  CD1  doub Y N 326 
TYR CG  CD2  sing Y N 327 
TYR CD1 CE1  sing Y N 328 
TYR CD1 HD1  sing N N 329 
TYR CD2 CE2  doub Y N 330 
TYR CD2 HD2  sing N N 331 
TYR CE1 CZ   doub Y N 332 
TYR CE1 HE1  sing N N 333 
TYR CE2 CZ   sing Y N 334 
TYR CE2 HE2  sing N N 335 
TYR CZ  OH   sing N N 336 
TYR OH  HH   sing N N 337 
TYR OXT HXT  sing N N 338 
VAL N   CA   sing N N 339 
VAL N   H    sing N N 340 
VAL N   H2   sing N N 341 
VAL CA  C    sing N N 342 
VAL CA  CB   sing N N 343 
VAL CA  HA   sing N N 344 
VAL C   O    doub N N 345 
VAL C   OXT  sing N N 346 
VAL CB  CG1  sing N N 347 
VAL CB  CG2  sing N N 348 
VAL CB  HB   sing N N 349 
VAL CG1 HG11 sing N N 350 
VAL CG1 HG12 sing N N 351 
VAL CG1 HG13 sing N N 352 
VAL CG2 HG21 sing N N 353 
VAL CG2 HG22 sing N N 354 
VAL CG2 HG23 sing N N 355 
VAL OXT HXT  sing N N 356 
# 
_atom_sites.entry_id                    4R7E 
_atom_sites.fract_transf_matrix[1][1]   0.01111460 
_atom_sites.fract_transf_matrix[1][2]   -0.00703934 
_atom_sites.fract_transf_matrix[1][3]   0.01551406 
_atom_sites.fract_transf_matrix[2][1]   0.02014377 
_atom_sites.fract_transf_matrix[2][2]   -0.00200253 
_atom_sites.fract_transf_matrix[2][3]   -0.00200385 
_atom_sites.fract_transf_matrix[3][1]   0.00093474 
_atom_sites.fract_transf_matrix[3][2]   0.00692747 
_atom_sites.fract_transf_matrix[3][3]   0.00247360 
_atom_sites.fract_transf_vector[1]      0.455637 
_atom_sites.fract_transf_vector[2]      0.643187 
_atom_sites.fract_transf_vector[3]      0.029563 
# 
loop_
_atom_type.symbol 
C  
N  
O  
S  
ZN 
# 
loop_
_atom_site.group_PDB 
_atom_site.id 
_atom_site.type_symbol 
_atom_site.label_atom_id 
_atom_site.label_alt_id 
_atom_site.label_comp_id 
_atom_site.label_asym_id 
_atom_site.label_entity_id 
_atom_site.label_seq_id 
_atom_site.pdbx_PDB_ins_code 
_atom_site.Cartn_x 
_atom_site.Cartn_y 
_atom_site.Cartn_z 
_atom_site.occupancy 
_atom_site.B_iso_or_equiv 
_atom_site.pdbx_formal_charge 
_atom_site.auth_seq_id 
_atom_site.auth_comp_id 
_atom_site.auth_asym_id 
_atom_site.auth_atom_id 
_atom_site.pdbx_PDB_model_num 
ATOM   1   N  N   . ASP A 1 1  ? -10.188 14.428  -23.547 1.00 84.84  ? 632 ASP A N   1 
ATOM   2   C  CA  . ASP A 1 1  ? -9.026  13.857  -24.237 1.00 87.19  ? 632 ASP A CA  1 
ATOM   3   C  C   . ASP A 1 1  ? -8.549  12.613  -23.495 1.00 83.12  ? 632 ASP A C   1 
ATOM   4   O  O   . ASP A 1 1  ? -8.432  12.619  -22.273 1.00 83.51  ? 632 ASP A O   1 
ATOM   5   C  CB  . ASP A 1 1  ? -7.889  14.879  -24.344 1.00 86.99  ? 632 ASP A CB  1 
ATOM   6   N  N   . GLU A 1 2  ? -8.248  11.558  -24.237 1.00 80.38  ? 633 GLU A N   1 
ATOM   7   C  CA  . GLU A 1 2  ? -8.121  10.244  -23.635 1.00 83.21  ? 633 GLU A CA  1 
ATOM   8   C  C   . GLU A 1 2  ? -6.728  10.051  -23.045 1.00 81.43  ? 633 GLU A C   1 
ATOM   9   O  O   . GLU A 1 2  ? -6.556  9.318   -22.065 1.00 81.85  ? 633 GLU A O   1 
ATOM   10  C  CB  . GLU A 1 2  ? -8.458  9.158   -24.675 1.00 79.29  ? 633 GLU A CB  1 
ATOM   11  C  CG  . GLU A 1 2  ? -8.437  7.704   -24.183 1.00 78.66  ? 633 GLU A CG  1 
ATOM   12  C  CD  . GLU A 1 2  ? -9.437  7.390   -23.057 1.00 79.61  ? 633 GLU A CD  1 
ATOM   13  O  OE1 . GLU A 1 2  ? -9.136  6.452   -22.285 1.00 80.60  ? 633 GLU A OE1 1 
ATOM   14  O  OE2 . GLU A 1 2  ? -10.507 8.052   -22.945 1.00 77.28  ? 633 GLU A OE2 1 
ATOM   15  N  N   . ALA A 1 3  ? -5.743  10.725  -23.622 1.00 81.21  ? 634 ALA A N   1 
ATOM   16  C  CA  . ALA A 1 3  ? -4.361  10.621  -23.148 1.00 83.34  ? 634 ALA A CA  1 
ATOM   17  C  C   . ALA A 1 3  ? -4.197  11.244  -21.749 1.00 81.65  ? 634 ALA A C   1 
ATOM   18  O  O   . ALA A 1 3  ? -3.341  10.822  -20.966 1.00 82.11  ? 634 ALA A O   1 
ATOM   19  C  CB  . ALA A 1 3  ? -3.404  11.282  -24.142 1.00 81.59  ? 634 ALA A CB  1 
ATOM   20  N  N   . LEU A 1 4  ? -5.028  12.243  -21.471 1.00 75.68  ? 635 LEU A N   1 
ATOM   21  C  CA  . LEU A 1 4  ? -5.106  12.919  -20.185 1.00 79.63  ? 635 LEU A CA  1 
ATOM   22  C  C   . LEU A 1 4  ? -5.874  12.088  -19.130 1.00 80.72  ? 635 LEU A C   1 
ATOM   23  O  O   . LEU A 1 4  ? -5.506  12.075  -17.942 1.00 74.10  ? 635 LEU A O   1 
ATOM   24  C  CB  . LEU A 1 4  ? -5.745  14.299  -20.395 1.00 73.04  ? 635 LEU A CB  1 
ATOM   25  C  CG  . LEU A 1 4  ? -6.660  15.019  -19.394 1.00 86.33  ? 635 LEU A CG  1 
ATOM   26  C  CD1 . LEU A 1 4  ? -5.931  15.562  -18.135 1.00 83.97  ? 635 LEU A CD1 1 
ATOM   27  C  CD2 . LEU A 1 4  ? -7.357  16.171  -20.122 1.00 88.20  ? 635 LEU A CD2 1 
ATOM   28  N  N   . VAL A 1 5  ? -6.929  11.399  -19.573 1.00 78.19  ? 636 VAL A N   1 
ATOM   29  C  CA  . VAL A 1 5  ? -7.646  10.426  -18.749 1.00 77.18  ? 636 VAL A CA  1 
ATOM   30  C  C   . VAL A 1 5  ? -6.683  9.321   -18.339 1.00 73.07  ? 636 VAL A C   1 
ATOM   31  O  O   . VAL A 1 5  ? -6.624  8.929   -17.189 1.00 70.92  ? 636 VAL A O   1 
ATOM   32  C  CB  . VAL A 1 5  ? -8.858  9.807   -19.496 1.00 80.14  ? 636 VAL A CB  1 
ATOM   33  C  CG1 . VAL A 1 5  ? -9.286  8.486   -18.841 1.00 73.78  ? 636 VAL A CG1 1 
ATOM   34  C  CG2 . VAL A 1 5  ? -10.018 10.787  -19.560 1.00 75.37  ? 636 VAL A CG2 1 
ATOM   35  N  N   . GLU A 1 6  ? -5.885  8.857   -19.285 1.00 73.23  ? 637 GLU A N   1 
ATOM   36  C  CA  . GLU A 1 6  ? -4.943  7.789   -19.002 1.00 76.37  ? 637 GLU A CA  1 
ATOM   37  C  C   . GLU A 1 6  ? -3.894  8.211   -17.977 1.00 80.19  ? 637 GLU A C   1 
ATOM   38  O  O   . GLU A 1 6  ? -3.472  7.410   -17.134 1.00 76.79  ? 637 GLU A O   1 
ATOM   39  C  CB  . GLU A 1 6  ? -4.240  7.345   -20.279 1.00 77.87  ? 637 GLU A CB  1 
ATOM   40  C  CG  . GLU A 1 6  ? -3.204  6.272   -20.026 1.00 85.76  ? 637 GLU A CG  1 
ATOM   41  C  CD  . GLU A 1 6  ? -2.414  5.917   -21.268 1.00 97.29  ? 637 GLU A CD  1 
ATOM   42  O  OE1 . GLU A 1 6  ? -2.010  6.856   -22.002 1.00 97.44  ? 637 GLU A OE1 1 
ATOM   43  O  OE2 . GLU A 1 6  ? -2.215  4.701   -21.513 1.00 98.17  ? 637 GLU A OE2 1 
ATOM   44  N  N   . GLU A 1 7  ? -3.449  9.463   -18.079 1.00 79.14  ? 638 GLU A N   1 
ATOM   45  C  CA  . GLU A 1 7  ? -2.446  9.978   -17.163 1.00 80.12  ? 638 GLU A CA  1 
ATOM   46  C  C   . GLU A 1 7  ? -3.082  10.143  -15.776 1.00 72.24  ? 638 GLU A C   1 
ATOM   47  O  O   . GLU A 1 7  ? -2.465  9.831   -14.765 1.00 72.44  ? 638 GLU A O   1 
ATOM   48  C  CB  . GLU A 1 7  ? -1.856  11.299  -17.683 1.00 81.72  ? 638 GLU A CB  1 
ATOM   49  C  CG  . GLU A 1 7  ? -0.448  11.601  -17.180 1.00 82.67  ? 638 GLU A CG  1 
ATOM   50  C  CD  . GLU A 1 7  ? 0.118   12.892  -17.770 1.00 91.61  ? 638 GLU A CD  1 
ATOM   51  O  OE1 . GLU A 1 7  ? 0.643   13.752  -17.001 1.00 87.25  ? 638 GLU A OE1 1 
ATOM   52  O  OE2 . GLU A 1 7  ? 0.028   13.044  -19.012 1.00 95.25  ? 638 GLU A OE2 1 
ATOM   53  N  N   . LEU A 1 8  ? -4.328  10.611  -15.739 1.00 72.19  ? 639 LEU A N   1 
ATOM   54  C  CA  . LEU A 1 8  ? -5.100  10.644  -14.496 1.00 71.44  ? 639 LEU A CA  1 
ATOM   55  C  C   . LEU A 1 8  ? -5.216  9.242   -13.854 1.00 75.60  ? 639 LEU A C   1 
ATOM   56  O  O   . LEU A 1 8  ? -5.158  9.082   -12.634 1.00 76.24  ? 639 LEU A O   1 
ATOM   57  C  CB  . LEU A 1 8  ? -6.479  11.209  -14.766 1.00 66.32  ? 639 LEU A CB  1 
ATOM   58  C  CG  . LEU A 1 8  ? -7.333  11.525  -13.538 1.00 74.90  ? 639 LEU A CG  1 
ATOM   59  C  CD1 . LEU A 1 8  ? -6.667  12.513  -12.598 1.00 74.35  ? 639 LEU A CD1 1 
ATOM   60  C  CD2 . LEU A 1 8  ? -8.629  12.087  -14.010 1.00 71.94  ? 639 LEU A CD2 1 
ATOM   61  N  N   . ALA A 1 9  ? -5.348  8.226   -14.695 1.00 71.35  ? 640 ALA A N   1 
ATOM   62  C  CA  . ALA A 1 9  ? -5.565  6.878   -14.227 1.00 73.33  ? 640 ALA A CA  1 
ATOM   63  C  C   . ALA A 1 9  ? -4.279  6.340   -13.633 1.00 71.58  ? 640 ALA A C   1 
ATOM   64  O  O   . ALA A 1 9  ? -4.308  5.731   -12.577 1.00 67.32  ? 640 ALA A O   1 
ATOM   65  C  CB  . ALA A 1 9  ? -6.062  5.975   -15.367 1.00 68.77  ? 640 ALA A CB  1 
ATOM   66  N  N   . ASN A 1 10 ? -3.157  6.567   -14.310 1.00 67.70  ? 641 ASN A N   1 
ATOM   67  C  CA  . ASN A 1 10 ? -1.863  6.123   -13.800 1.00 71.61  ? 641 ASN A CA  1 
ATOM   68  C  C   . ASN A 1 10 ? -1.443  6.808   -12.486 1.00 72.88  ? 641 ASN A C   1 
ATOM   69  O  O   . ASN A 1 10 ? -0.891  6.154   -11.599 1.00 74.47  ? 641 ASN A O   1 
ATOM   70  C  CB  . ASN A 1 10 ? -0.772  6.346   -14.852 1.00 73.93  ? 641 ASN A CB  1 
ATOM   71  C  CG  . ASN A 1 10 ? -0.979  5.503   -16.099 1.00 81.35  ? 641 ASN A CG  1 
ATOM   72  O  OD1 . ASN A 1 10 ? -1.525  4.395   -16.033 1.00 84.79  ? 641 ASN A OD1 1 
ATOM   73  N  ND2 . ASN A 1 10 ? -0.548  6.027   -17.251 1.00 81.13  ? 641 ASN A ND2 1 
ATOM   74  N  N   . PHE A 1 11 ? -1.674  8.117   -12.382 1.00 68.21  ? 642 PHE A N   1 
ATOM   75  C  CA  . PHE A 1 11 ? -1.293  8.875   -11.195 1.00 72.45  ? 642 PHE A CA  1 
ATOM   76  C  C   . PHE A 1 11 ? -2.170  8.453   -10.017 1.00 73.60  ? 642 PHE A C   1 
ATOM   77  O  O   . PHE A 1 11 ? -1.702  8.357   -8.878  1.00 70.11  ? 642 PHE A O   1 
ATOM   78  C  CB  . PHE A 1 11 ? -1.393  10.400  -11.434 1.00 70.74  ? 642 PHE A CB  1 
ATOM   79  C  CG  . PHE A 1 11 ? -0.149  10.995  -12.064 1.00 72.97  ? 642 PHE A CG  1 
ATOM   80  C  CD1 . PHE A 1 11 ? 1.090   10.851  -11.458 1.00 77.77  ? 642 PHE A CD1 1 
ATOM   81  C  CD2 . PHE A 1 11 ? -0.211  11.682  -13.261 1.00 76.71  ? 642 PHE A CD2 1 
ATOM   82  C  CE1 . PHE A 1 11 ? 2.239   11.380  -12.036 1.00 76.23  ? 642 PHE A CE1 1 
ATOM   83  C  CE2 . PHE A 1 11 ? 0.941   12.213  -13.838 1.00 75.97  ? 642 PHE A CE2 1 
ATOM   84  C  CZ  . PHE A 1 11 ? 2.159   12.052  -13.225 1.00 75.21  ? 642 PHE A CZ  1 
ATOM   85  N  N   . ARG A 1 12 ? -3.442  8.186   -10.300 1.00 73.33  ? 643 ARG A N   1 
ATOM   86  C  CA  . ARG A 1 12 ? -4.356  7.695   -9.281  1.00 71.77  ? 643 ARG A CA  1 
ATOM   87  C  C   . ARG A 1 12 ? -3.868  6.355   -8.696  1.00 70.78  ? 643 ARG A C   1 
ATOM   88  O  O   . ARG A 1 12 ? -3.892  6.147   -7.471  1.00 68.32  ? 643 ARG A O   1 
ATOM   89  C  CB  . ARG A 1 12 ? -5.765  7.556   -9.854  1.00 72.90  ? 643 ARG A CB  1 
ATOM   90  C  CG  . ARG A 1 12 ? -6.837  8.072   -8.932  1.00 78.74  ? 643 ARG A CG  1 
ATOM   91  C  CD  . ARG A 1 12 ? -8.196  7.505   -9.288  1.00 81.55  ? 643 ARG A CD  1 
ATOM   92  N  NE  . ARG A 1 12 ? -9.024  7.342   -8.095  1.00 76.60  ? 643 ARG A NE  1 
ATOM   93  C  CZ  . ARG A 1 12 ? -9.781  8.301   -7.570  1.00 84.08  ? 643 ARG A CZ  1 
ATOM   94  N  NH1 . ARG A 1 12 ? -9.834  9.513   -8.127  1.00 79.07  ? 643 ARG A NH1 1 
ATOM   95  N  NH2 . ARG A 1 12 ? -10.493 8.043   -6.478  1.00 88.60  ? 643 ARG A NH2 1 
ATOM   96  N  N   . THR A 1 13 ? -3.394  5.452   -9.540  1.00 67.99  ? 644 THR A N   1 
ATOM   97  C  CA  . THR A 1 13 ? -2.981  4.173   -8.991  1.00 71.73  ? 644 THR A CA  1 
ATOM   98  C  C   . THR A 1 13 ? -1.655  4.297   -8.227  1.00 71.58  ? 644 THR A C   1 
ATOM   99  O  O   . THR A 1 13 ? -1.373  3.486   -7.356  1.00 70.45  ? 644 THR A O   1 
ATOM   100 C  CB  . THR A 1 13 ? -2.872  3.081   -10.073 1.00 71.20  ? 644 THR A CB  1 
ATOM   101 O  OG1 . THR A 1 13 ? -1.633  3.197   -10.767 1.00 83.62  ? 644 THR A OG1 1 
ATOM   102 C  CG2 . THR A 1 13 ? -4.012  3.188   -11.047 1.00 68.47  ? 644 THR A CG2 1 
ATOM   103 N  N   . LEU A 1 14 ? -0.849  5.308   -8.542  1.00 70.75  ? 645 LEU A N   1 
ATOM   104 C  CA  . LEU A 1 14 ? 0.350   5.587   -7.745  1.00 69.84  ? 645 LEU A CA  1 
ATOM   105 C  C   . LEU A 1 14 ? -0.008  6.094   -6.330  1.00 65.61  ? 645 LEU A C   1 
ATOM   106 O  O   . LEU A 1 14 ? 0.645   5.749   -5.373  1.00 66.89  ? 645 LEU A O   1 
ATOM   107 C  CB  . LEU A 1 14 ? 1.248   6.613   -8.451  1.00 68.31  ? 645 LEU A CB  1 
ATOM   108 C  CG  . LEU A 1 14 ? 2.078   6.168   -9.655  1.00 69.87  ? 645 LEU A CG  1 
ATOM   109 C  CD1 . LEU A 1 14 ? 2.875   7.334   -10.187 1.00 74.04  ? 645 LEU A CD1 1 
ATOM   110 C  CD2 . LEU A 1 14 ? 3.001   5.018   -9.295  1.00 73.92  ? 645 LEU A CD2 1 
ATOM   111 N  N   . VAL A 1 15 ? -1.043  6.921   -6.221  1.00 63.36  ? 646 VAL A N   1 
ATOM   112 C  CA  . VAL A 1 15 ? -1.459  7.509   -4.953  1.00 65.92  ? 646 VAL A CA  1 
ATOM   113 C  C   . VAL A 1 15 ? -2.262  6.568   -4.039  1.00 70.71  ? 646 VAL A C   1 
ATOM   114 O  O   . VAL A 1 15 ? -2.048  6.564   -2.816  1.00 66.83  ? 646 VAL A O   1 
ATOM   115 C  CB  . VAL A 1 15 ? -2.302  8.775   -5.200  1.00 68.28  ? 646 VAL A CB  1 
ATOM   116 C  CG1 . VAL A 1 15 ? -2.979  9.249   -3.924  1.00 66.82  ? 646 VAL A CG1 1 
ATOM   117 C  CG2 . VAL A 1 15 ? -1.430  9.881   -5.794  1.00 68.77  ? 646 VAL A CG2 1 
ATOM   118 N  N   . TYR A 1 16 ? -3.171  5.771   -4.625  1.00 70.21  ? 647 TYR A N   1 
ATOM   119 C  CA  . TYR A 1 16 ? -4.069  4.906   -3.849  1.00 66.73  ? 647 TYR A CA  1 
ATOM   120 C  C   . TYR A 1 16 ? -3.444  3.572   -3.449  1.00 65.75  ? 647 TYR A C   1 
ATOM   121 O  O   . TYR A 1 16 ? -2.537  3.052   -4.098  1.00 62.11  ? 647 TYR A O   1 
ATOM   122 C  CB  . TYR A 1 16 ? -5.390  4.664   -4.612  1.00 69.93  ? 647 TYR A CB  1 
ATOM   123 C  CG  . TYR A 1 16 ? -6.345  5.831   -4.424  1.00 72.43  ? 647 TYR A CG  1 
ATOM   124 C  CD1 . TYR A 1 16 ? -7.416  5.760   -3.540  1.00 70.05  ? 647 TYR A CD1 1 
ATOM   125 C  CD2 . TYR A 1 16 ? -6.123  7.031   -5.089  1.00 73.65  ? 647 TYR A CD2 1 
ATOM   126 C  CE1 . TYR A 1 16 ? -8.268  6.856   -3.348  1.00 75.14  ? 647 TYR A CE1 1 
ATOM   127 C  CE2 . TYR A 1 16 ? -6.956  8.128   -4.912  1.00 77.01  ? 647 TYR A CE2 1 
ATOM   128 C  CZ  . TYR A 1 16 ? -8.030  8.047   -4.050  1.00 82.33  ? 647 TYR A CZ  1 
ATOM   129 O  OH  . TYR A 1 16 ? -8.838  9.171   -3.901  1.00 76.52  ? 647 TYR A OH  1 
ATOM   130 N  N   . CYS A 1 17 ? -3.909  3.050   -2.321  1.00 68.10  ? 648 CYS A N   1 
ATOM   131 C  CA  . CYS A 1 17 ? -3.523  1.713   -1.895  1.00 68.95  ? 648 CYS A CA  1 
ATOM   132 C  C   . CYS A 1 17 ? -3.897  0.741   -3.015  1.00 64.12  ? 648 CYS A C   1 
ATOM   133 O  O   . CYS A 1 17 ? -5.002  0.796   -3.544  1.00 61.47  ? 648 CYS A O   1 
ATOM   134 C  CB  . CYS A 1 17 ? -4.216  1.341   -0.567  1.00 66.29  ? 648 CYS A CB  1 
ATOM   135 S  SG  . CYS A 1 17 ? -3.987  -0.393  -0.069  1.00 63.93  ? 648 CYS A SG  1 
ATOM   136 N  N   . SER A 1 18 ? -2.964  -0.113  -3.400  1.00 64.94  ? 649 SER A N   1 
ATOM   137 C  CA  . SER A 1 18 ? -3.205  -1.047  -4.488  1.00 64.11  ? 649 SER A CA  1 
ATOM   138 C  C   . SER A 1 18 ? -4.093  -2.215  -4.044  1.00 72.35  ? 649 SER A C   1 
ATOM   139 O  O   . SER A 1 18 ? -4.646  -2.925  -4.878  1.00 76.75  ? 649 SER A O   1 
ATOM   140 C  CB  . SER A 1 18 ? -1.879  -1.575  -5.036  1.00 60.35  ? 649 SER A CB  1 
ATOM   141 O  OG  . SER A 1 18 ? -1.284  -2.487  -4.129  1.00 75.60  ? 649 SER A OG  1 
ATOM   142 N  N   . LEU A 1 19 ? -4.242  -2.400  -2.732  1.00 72.71  ? 650 LEU A N   1 
ATOM   143 C  CA  . LEU A 1 19 ? -4.970  -3.553  -2.206  1.00 69.99  ? 650 LEU A CA  1 
ATOM   144 C  C   . LEU A 1 19 ? -6.468  -3.310  -2.133  1.00 68.60  ? 650 LEU A C   1 
ATOM   145 O  O   . LEU A 1 19 ? -7.248  -4.185  -2.446  1.00 72.45  ? 650 LEU A O   1 
ATOM   146 C  CB  . LEU A 1 19 ? -4.451  -3.930  -0.826  1.00 70.78  ? 650 LEU A CB  1 
ATOM   147 C  CG  . LEU A 1 19 ? -2.992  -4.311  -0.691  1.00 68.46  ? 650 LEU A CG  1 
ATOM   148 C  CD1 . LEU A 1 19 ? -2.683  -4.565  0.759   1.00 62.46  ? 650 LEU A CD1 1 
ATOM   149 C  CD2 . LEU A 1 19 ? -2.726  -5.537  -1.528  1.00 72.55  ? 650 LEU A CD2 1 
ATOM   150 N  N   . CYS A 1 20 ? -6.867  -2.132  -1.685  1.00 71.74  ? 651 CYS A N   1 
ATOM   151 C  CA  . CYS A 1 20 ? -8.278  -1.802  -1.631  1.00 70.61  ? 651 CYS A CA  1 
ATOM   152 C  C   . CYS A 1 20 ? -8.695  -0.816  -2.736  1.00 76.49  ? 651 CYS A C   1 
ATOM   153 O  O   . CYS A 1 20 ? -9.870  -0.750  -3.078  1.00 80.54  ? 651 CYS A O   1 
ATOM   154 C  CB  . CYS A 1 20 ? -8.634  -1.225  -0.255  1.00 68.36  ? 651 CYS A CB  1 
ATOM   155 S  SG  . CYS A 1 20 ? -7.801  0.356   0.182   1.00 72.25  ? 651 CYS A SG  1 
ATOM   156 N  N   . SER A 1 21 ? -7.746  -0.052  -3.283  1.00 72.40  ? 652 SER A N   1 
ATOM   157 C  CA  . SER A 1 21 ? -8.041  1.075   -4.192  1.00 73.69  ? 652 SER A CA  1 
ATOM   158 C  C   . SER A 1 21 ? -9.031  2.107   -3.656  1.00 74.36  ? 652 SER A C   1 
ATOM   159 O  O   . SER A 1 21 ? -9.633  2.832   -4.447  1.00 78.05  ? 652 SER A O   1 
ATOM   160 C  CB  . SER A 1 21 ? -8.575  0.574   -5.543  1.00 71.52  ? 652 SER A CB  1 
ATOM   161 O  OG  . SER A 1 21 ? -7.634  -0.270  -6.177  1.00 76.23  ? 652 SER A OG  1 
ATOM   162 N  N   . LYS A 1 22 ? -9.209  2.197   -2.339  1.00 74.09  ? 653 LYS A N   1 
ATOM   163 C  CA  . LYS A 1 22 ? -10.161 3.167   -1.791  1.00 71.70  ? 653 LYS A CA  1 
ATOM   164 C  C   . LYS A 1 22 ? -9.495  4.179   -0.891  1.00 75.06  ? 653 LYS A C   1 
ATOM   165 O  O   . LYS A 1 22 ? -10.031 5.261   -0.653  1.00 73.38  ? 653 LYS A O   1 
ATOM   166 C  CB  . LYS A 1 22 ? -11.273 2.469   -0.995  1.00 75.34  ? 653 LYS A CB  1 
ATOM   167 C  CG  . LYS A 1 22 ? -11.615 1.070   -1.473  1.00 82.31  ? 653 LYS A CG  1 
ATOM   168 C  CD  . LYS A 1 22 ? -12.854 0.492   -0.776  1.00 83.80  ? 653 LYS A CD  1 
ATOM   169 C  CE  . LYS A 1 22 ? -13.253 -0.899  -1.324  1.00 87.29  ? 653 LYS A CE  1 
ATOM   170 N  NZ  . LYS A 1 22 ? -12.119 -1.818  -1.722  1.00 85.39  ? 653 LYS A NZ  1 
ATOM   171 N  N   . ASN A 1 23 ? -8.337  3.815   -0.353  1.00 72.59  ? 654 ASN A N   1 
ATOM   172 C  CA  . ASN A 1 23 ? -7.622  4.718   0.543   1.00 70.70  ? 654 ASN A CA  1 
ATOM   173 C  C   . ASN A 1 23 ? -6.282  5.103   -0.050  1.00 68.57  ? 654 ASN A C   1 
ATOM   174 O  O   . ASN A 1 23 ? -5.678  4.316   -0.788  1.00 68.71  ? 654 ASN A O   1 
ATOM   175 C  CB  . ASN A 1 23 ? -7.411  4.066   1.911   1.00 73.08  ? 654 ASN A CB  1 
ATOM   176 C  CG  . ASN A 1 23 ? -8.699  3.926   2.703   1.00 74.44  ? 654 ASN A CG  1 
ATOM   177 O  OD1 . ASN A 1 23 ? -9.534  4.842   2.742   1.00 76.12  ? 654 ASN A OD1 1 
ATOM   178 N  ND2 . ASN A 1 23 ? -8.857  2.785   3.354   1.00 70.78  ? 654 ASN A ND2 1 
ATOM   179 N  N   . TRP A 1 24 ? -5.834  6.313   0.265   1.00 69.69  ? 655 TRP A N   1 
ATOM   180 C  CA  . TRP A 1 24 ? -4.490  6.787   -0.082  1.00 68.52  ? 655 TRP A CA  1 
ATOM   181 C  C   . TRP A 1 24 ? -3.393  5.940   0.551   1.00 66.14  ? 655 TRP A C   1 
ATOM   182 O  O   . TRP A 1 24 ? -3.563  5.431   1.656   1.00 63.55  ? 655 TRP A O   1 
ATOM   183 C  CB  . TRP A 1 24 ? -4.317  8.235   0.368   1.00 70.46  ? 655 TRP A CB  1 
ATOM   184 C  CG  . TRP A 1 24 ? -4.931  9.248   -0.551  1.00 75.08  ? 655 TRP A CG  1 
ATOM   185 C  CD1 . TRP A 1 24 ? -5.723  9.005   -1.636  1.00 77.55  ? 655 TRP A CD1 1 
ATOM   186 C  CD2 . TRP A 1 24 ? -4.774  10.669  -0.471  1.00 78.68  ? 655 TRP A CD2 1 
ATOM   187 N  NE1 . TRP A 1 24 ? -6.086  10.193  -2.233  1.00 80.06  ? 655 TRP A NE1 1 
ATOM   188 C  CE2 . TRP A 1 24 ? -5.518  11.228  -1.538  1.00 82.27  ? 655 TRP A CE2 1 
ATOM   189 C  CE3 . TRP A 1 24 ? -4.082  11.526  0.396   1.00 82.87  ? 655 TRP A CE3 1 
ATOM   190 C  CZ2 . TRP A 1 24 ? -5.584  12.611  -1.757  1.00 85.41  ? 655 TRP A CZ2 1 
ATOM   191 C  CZ3 . TRP A 1 24 ? -4.150  12.898  0.182   1.00 79.91  ? 655 TRP A CZ3 1 
ATOM   192 C  CH2 . TRP A 1 24 ? -4.896  13.427  -0.887  1.00 81.43  ? 655 TRP A CH2 1 
ATOM   193 N  N   . LYS A 1 25 ? -2.277  5.763   -0.149  1.00 68.06  ? 656 LYS A N   1 
ATOM   194 C  CA  . LYS A 1 25 ? -1.084  5.217   0.494   1.00 65.30  ? 656 LYS A CA  1 
ATOM   195 C  C   . LYS A 1 25 ? -0.736  6.074   1.721   1.00 65.38  ? 656 LYS A C   1 
ATOM   196 O  O   . LYS A 1 25 ? -0.650  7.284   1.620   1.00 65.72  ? 656 LYS A O   1 
ATOM   197 C  CB  . LYS A 1 25 ? 0.094   5.193   -0.470  1.00 63.10  ? 656 LYS A CB  1 
ATOM   198 C  CG  . LYS A 1 25 ? -0.033  4.178   -1.594  1.00 67.66  ? 656 LYS A CG  1 
ATOM   199 C  CD  . LYS A 1 25 ? 1.267   4.098   -2.404  1.00 67.98  ? 656 LYS A CD  1 
ATOM   200 C  CE  . LYS A 1 25 ? 1.296   2.901   -3.353  1.00 69.20  ? 656 LYS A CE  1 
ATOM   201 N  NZ  . LYS A 1 25 ? 0.342   3.067   -4.480  1.00 65.88  ? 656 LYS A NZ  1 
ATOM   202 N  N   . ASN A 1 26 ? -0.569  5.452   2.884   1.00 65.11  ? 657 ASN A N   1 
ATOM   203 C  CA  . ASN A 1 26 ? -0.148  6.195   4.065   1.00 63.72  ? 657 ASN A CA  1 
ATOM   204 C  C   . ASN A 1 26 ? 0.593   5.300   5.047   1.00 58.82  ? 657 ASN A C   1 
ATOM   205 O  O   . ASN A 1 26 ? 0.759   5.643   6.212   1.00 57.86  ? 657 ASN A O   1 
ATOM   206 C  CB  . ASN A 1 26 ? -1.348  6.873   4.763   1.00 61.05  ? 657 ASN A CB  1 
ATOM   207 C  CG  . ASN A 1 26 ? -2.313  5.872   5.413   1.00 66.78  ? 657 ASN A CG  1 
ATOM   208 O  OD1 . ASN A 1 26 ? -2.091  4.651   5.398   1.00 66.13  ? 657 ASN A OD1 1 
ATOM   209 N  ND2 . ASN A 1 26 ? -3.387  6.395   6.001   1.00 65.24  ? 657 ASN A ND2 1 
ATOM   210 N  N   . MET A 1 27 ? 1.055   4.157   4.580   1.00 59.45  ? 658 MET A N   1 
ATOM   211 C  CA  . MET A 1 27 ? 1.778   3.284   5.476   1.00 60.65  ? 658 MET A CA  1 
ATOM   212 C  C   . MET A 1 27 ? 2.789   2.439   4.759   1.00 61.82  ? 658 MET A C   1 
ATOM   213 O  O   . MET A 1 27 ? 2.426   1.632   3.905   1.00 63.68  ? 658 MET A O   1 
ATOM   214 C  CB  . MET A 1 27 ? 0.809   2.383   6.236   1.00 63.36  ? 658 MET A CB  1 
ATOM   215 C  CG  . MET A 1 27 ? 1.498   1.258   7.011   1.00 65.96  ? 658 MET A CG  1 
ATOM   216 S  SD  . MET A 1 27 ? 0.779   0.968   8.645   1.00 76.36  ? 658 MET A SD  1 
ATOM   217 C  CE  . MET A 1 27 ? 1.052   2.594   9.372   1.00 72.24  ? 658 MET A CE  1 
ATOM   218 N  N   . ALA A 1 28 ? 4.059   2.595   5.129   1.00 63.15  ? 659 ALA A N   1 
ATOM   219 C  CA  . ALA A 1 28 ? 5.134   1.840   4.503   1.00 62.06  ? 659 ALA A CA  1 
ATOM   220 C  C   . ALA A 1 28 ? 5.551   0.643   5.366   1.00 66.59  ? 659 ALA A C   1 
ATOM   221 O  O   . ALA A 1 28 ? 5.466   0.665   6.599   1.00 63.67  ? 659 ALA A O   1 
ATOM   222 C  CB  . ALA A 1 28 ? 6.337   2.753   4.231   1.00 57.82  ? 659 ALA A CB  1 
ATOM   223 N  N   . ILE A 1 29 ? 5.993   -0.409  4.700   1.00 64.74  ? 660 ILE A N   1 
ATOM   224 C  CA  . ILE A 1 29 ? 6.584   -1.542  5.391   1.00 69.71  ? 660 ILE A CA  1 
ATOM   225 C  C   . ILE A 1 29 ? 8.102   -1.379  5.360   1.00 67.99  ? 660 ILE A C   1 
ATOM   226 O  O   . ILE A 1 29 ? 8.705   -1.392  4.286   1.00 64.60  ? 660 ILE A O   1 
ATOM   227 C  CB  . ILE A 1 29 ? 6.163   -2.881  4.749   1.00 69.74  ? 660 ILE A CB  1 
ATOM   228 C  CG1 . ILE A 1 29 ? 4.643   -2.981  4.706   1.00 65.70  ? 660 ILE A CG1 1 
ATOM   229 C  CG2 . ILE A 1 29 ? 6.737   -4.047  5.536   1.00 70.56  ? 660 ILE A CG2 1 
ATOM   230 C  CD1 . ILE A 1 29 ? 4.147   -4.196  3.917   1.00 72.42  ? 660 ILE A CD1 1 
ATOM   231 N  N   . LYS A 1 30 ? 8.698   -1.200  6.541   1.00 72.94  ? 661 LYS A N   1 
ATOM   232 C  CA  . LYS A 1 30 ? 10.095  -0.778  6.666   1.00 75.58  ? 661 LYS A CA  1 
ATOM   233 C  C   . LYS A 1 30 ? 11.100  -1.816  6.179   1.00 77.01  ? 661 LYS A C   1 
ATOM   234 O  O   . LYS A 1 30 ? 12.234  -1.484  5.820   1.00 75.32  ? 661 LYS A O   1 
ATOM   235 C  CB  . LYS A 1 30 ? 10.406  -0.414  8.112   1.00 76.18  ? 661 LYS A CB  1 
ATOM   236 C  CG  . LYS A 1 30 ? 9.822   0.923   8.541   1.00 77.32  ? 661 LYS A CG  1 
ATOM   237 C  CD  . LYS A 1 30 ? 10.500  1.455   9.817   1.00 82.26  ? 661 LYS A CD  1 
ATOM   238 C  CE  . LYS A 1 30 ? 10.181  0.616   11.055  1.00 83.62  ? 661 LYS A CE  1 
ATOM   239 N  NZ  . LYS A 1 30 ? 9.853   1.457   12.259  1.00 82.43  ? 661 LYS A NZ  1 
ATOM   240 N  N   . THR A 1 31 ? 10.675  -3.070  6.155   1.00 78.34  ? 662 THR A N   1 
ATOM   241 C  CA  . THR A 1 31 ? 11.533  -4.160  5.725   1.00 75.00  ? 662 THR A CA  1 
ATOM   242 C  C   . THR A 1 31 ? 11.704  -4.232  4.204   1.00 76.86  ? 662 THR A C   1 
ATOM   243 O  O   . THR A 1 31 ? 12.695  -4.801  3.734   1.00 79.09  ? 662 THR A O   1 
ATOM   244 C  CB  . THR A 1 31 ? 10.986  -5.511  6.244   1.00 79.49  ? 662 THR A CB  1 
ATOM   245 O  OG1 . THR A 1 31 ? 9.563   -5.550  6.063   1.00 79.42  ? 662 THR A OG1 1 
ATOM   246 C  CG2 . THR A 1 31 ? 11.278  -5.662  7.739   1.00 79.54  ? 662 THR A CG2 1 
ATOM   247 N  N   . CYS A 1 32 ? 10.770  -3.671  3.424   1.00 73.95  ? 663 CYS A N   1 
ATOM   248 C  CA  . CYS A 1 32 ? 10.901  -3.742  1.962   1.00 70.95  ? 663 CYS A CA  1 
ATOM   249 C  C   . CYS A 1 32 ? 10.606  -2.445  1.187   1.00 72.97  ? 663 CYS A C   1 
ATOM   250 O  O   . CYS A 1 32 ? 10.834  -2.386  -0.026  1.00 76.20  ? 663 CYS A O   1 
ATOM   251 C  CB  . CYS A 1 32 ? 10.003  -4.850  1.401   1.00 72.61  ? 663 CYS A CB  1 
ATOM   252 S  SG  . CYS A 1 32 ? 8.226   -4.648  1.733   1.00 70.83  ? 663 CYS A SG  1 
ATOM   253 N  N   . GLY A 1 33 ? 10.087  -1.421  1.853   1.00 71.88  ? 664 GLY A N   1 
ATOM   254 C  CA  . GLY A 1 33 ? 9.813   -0.154  1.179   1.00 71.28  ? 664 GLY A CA  1 
ATOM   255 C  C   . GLY A 1 33 ? 8.458   -0.018  0.480   1.00 69.59  ? 664 GLY A C   1 
ATOM   256 O  O   . GLY A 1 33 ? 8.093   1.074   0.043   1.00 68.27  ? 664 GLY A O   1 
ATOM   257 N  N   . HIS A 1 34 ? 7.707   -1.111  0.371   1.00 68.60  ? 665 HIS A N   1 
ATOM   258 C  CA  . HIS A 1 34 ? 6.393   -1.037  -0.259  1.00 68.42  ? 665 HIS A CA  1 
ATOM   259 C  C   . HIS A 1 34 ? 5.404   -0.353  0.685   1.00 64.29  ? 665 HIS A C   1 
ATOM   260 O  O   . HIS A 1 34 ? 5.552   -0.405  1.915   1.00 61.84  ? 665 HIS A O   1 
ATOM   261 C  CB  . HIS A 1 34 ? 5.923   -2.434  -0.690  1.00 68.54  ? 665 HIS A CB  1 
ATOM   262 C  CG  . HIS A 1 34 ? 6.765   -3.013  -1.789  1.00 72.42  ? 665 HIS A CG  1 
ATOM   263 N  ND1 . HIS A 1 34 ? 7.449   -4.201  -1.667  1.00 77.70  ? 665 HIS A ND1 1 
ATOM   264 C  CD2 . HIS A 1 34 ? 7.074   -2.526  -3.017  1.00 71.85  ? 665 HIS A CD2 1 
ATOM   265 C  CE1 . HIS A 1 34 ? 8.141   -4.429  -2.772  1.00 76.29  ? 665 HIS A CE1 1 
ATOM   266 N  NE2 . HIS A 1 34 ? 7.925   -3.430  -3.608  1.00 75.10  ? 665 HIS A NE2 1 
ATOM   267 N  N   . VAL A 1 35 ? 4.420   0.315   0.084   1.00 62.79  ? 666 VAL A N   1 
ATOM   268 C  CA  . VAL A 1 35 ? 3.530   1.238   0.775   1.00 61.90  ? 666 VAL A CA  1 
ATOM   269 C  C   . VAL A 1 35 ? 2.085   0.882   0.456   1.00 61.19  ? 666 VAL A C   1 
ATOM   270 O  O   . VAL A 1 35 ? 1.761   0.685   -0.701  1.00 64.09  ? 666 VAL A O   1 
ATOM   271 C  CB  . VAL A 1 35 ? 3.804   2.713   0.349   1.00 60.98  ? 666 VAL A CB  1 
ATOM   272 C  CG1 . VAL A 1 35 ? 2.999   3.693   1.190   1.00 58.52  ? 666 VAL A CG1 1 
ATOM   273 C  CG2 . VAL A 1 35 ? 5.274   3.037   0.450   1.00 64.77  ? 666 VAL A CG2 1 
ATOM   274 N  N   . PHE A 1 36 ? 1.233   0.824   1.478   1.00 61.29  ? 667 PHE A N   1 
ATOM   275 C  CA  . PHE A 1 36 ? -0.190  0.511   1.351   1.00 60.90  ? 667 PHE A CA  1 
ATOM   276 C  C   . PHE A 1 36 ? -0.986  1.451   2.264   1.00 65.63  ? 667 PHE A C   1 
ATOM   277 O  O   . PHE A 1 36 ? -0.422  2.411   2.786   1.00 63.29  ? 667 PHE A O   1 
ATOM   278 C  CB  . PHE A 1 36 ? -0.437  -0.974  1.693   1.00 57.74  ? 667 PHE A CB  1 
ATOM   279 C  CG  . PHE A 1 36 ? 0.418   -1.925  0.869   1.00 63.99  ? 667 PHE A CG  1 
ATOM   280 C  CD1 . PHE A 1 36 ? 0.108   -2.184  -0.474  1.00 59.85  ? 667 PHE A CD1 1 
ATOM   281 C  CD2 . PHE A 1 36 ? 1.544   -2.534  1.420   1.00 61.38  ? 667 PHE A CD2 1 
ATOM   282 C  CE1 . PHE A 1 36 ? 0.907   -3.034  -1.249  1.00 61.16  ? 667 PHE A CE1 1 
ATOM   283 C  CE2 . PHE A 1 36 ? 2.332   -3.407  0.659   1.00 63.76  ? 667 PHE A CE2 1 
ATOM   284 C  CZ  . PHE A 1 36 ? 2.027   -3.650  -0.681  1.00 64.89  ? 667 PHE A CZ  1 
ATOM   285 N  N   . CYS A 1 37 ? -2.290  1.225   2.441   1.00 65.17  ? 668 CYS A N   1 
ATOM   286 C  CA  . CYS A 1 37 ? -3.023  2.036   3.421   1.00 64.22  ? 668 CYS A CA  1 
ATOM   287 C  C   . CYS A 1 37 ? -2.925  1.282   4.729   1.00 63.07  ? 668 CYS A C   1 
ATOM   288 O  O   . CYS A 1 37 ? -2.632  0.085   4.727   1.00 61.72  ? 668 CYS A O   1 
ATOM   289 C  CB  . CYS A 1 37 ? -4.491  2.290   3.019   1.00 66.27  ? 668 CYS A CB  1 
ATOM   290 S  SG  . CYS A 1 37 ? -5.637  0.876   3.250   1.00 67.41  ? 668 CYS A SG  1 
ATOM   291 N  N   . GLU A 1 38 ? -3.111  1.985   5.839   1.00 65.66  ? 669 GLU A N   1 
ATOM   292 C  CA  . GLU A 1 38 ? -2.987  1.377   7.159   1.00 67.82  ? 669 GLU A CA  1 
ATOM   293 C  C   . GLU A 1 38 ? -4.033  0.288   7.431   1.00 66.10  ? 669 GLU A C   1 
ATOM   294 O  O   . GLU A 1 38 ? -3.727  -0.735  8.032   1.00 65.87  ? 669 GLU A O   1 
ATOM   295 C  CB  . GLU A 1 38 ? -3.094  2.454   8.233   1.00 74.98  ? 669 GLU A CB  1 
ATOM   296 C  CG  . GLU A 1 38 ? -2.800  1.929   9.623   1.00 80.24  ? 669 GLU A CG  1 
ATOM   297 C  CD  . GLU A 1 38 ? -3.129  2.939   10.690  1.00 86.47  ? 669 GLU A CD  1 
ATOM   298 O  OE1 . GLU A 1 38 ? -2.632  2.777   11.825  1.00 91.78  ? 669 GLU A OE1 1 
ATOM   299 O  OE2 . GLU A 1 38 ? -3.883  3.889   10.390  1.00 89.30  ? 669 GLU A OE2 1 
ATOM   300 N  N   . ASN A 1 39 ? -5.267  0.537   6.998   1.00 68.82  ? 670 ASN A N   1 
ATOM   301 C  CA  . ASN A 1 39 ? -6.364  -0.442  7.055   1.00 68.80  ? 670 ASN A CA  1 
ATOM   302 C  C   . ASN A 1 39 ? -6.031  -1.821  6.511   1.00 67.22  ? 670 ASN A C   1 
ATOM   303 O  O   . ASN A 1 39 ? -6.229  -2.842  7.173   1.00 72.22  ? 670 ASN A O   1 
ATOM   304 C  CB  . ASN A 1 39 ? -7.561  0.081   6.282   1.00 72.93  ? 670 ASN A CB  1 
ATOM   305 C  CG  . ASN A 1 39 ? -8.690  0.463   7.176   1.00 80.24  ? 670 ASN A CG  1 
ATOM   306 O  OD1 . ASN A 1 39 ? -9.409  -0.403  7.684   1.00 81.63  ? 670 ASN A OD1 1 
ATOM   307 N  ND2 . ASN A 1 39 ? -8.877  1.769   7.369   1.00 83.17  ? 670 ASN A ND2 1 
ATOM   308 N  N   . CYS A 1 40 ? -5.528  -1.847  5.287   1.00 68.23  ? 671 CYS A N   1 
ATOM   309 C  CA  . CYS A 1 40 ? -5.117  -3.101  4.677   1.00 71.28  ? 671 CYS A CA  1 
ATOM   310 C  C   . CYS A 1 40 ? -3.950  -3.731  5.418   1.00 68.17  ? 671 CYS A C   1 
ATOM   311 O  O   . CYS A 1 40 ? -3.883  -4.951  5.534   1.00 66.32  ? 671 CYS A O   1 
ATOM   312 C  CB  . CYS A 1 40 ? -4.758  -2.881  3.203   1.00 68.84  ? 671 CYS A CB  1 
ATOM   313 S  SG  . CYS A 1 40 ? -6.226  -2.497  2.218   1.00 68.56  ? 671 CYS A SG  1 
ATOM   314 N  N   . CYS A 1 41 ? -3.018  -2.916  5.905   1.00 64.67  ? 672 CYS A N   1 
ATOM   315 C  CA  . CYS A 1 41 ? -1.848  -3.477  6.592   1.00 64.98  ? 672 CYS A CA  1 
ATOM   316 C  C   . CYS A 1 41 ? -2.266  -4.242  7.841   1.00 67.46  ? 672 CYS A C   1 
ATOM   317 O  O   . CYS A 1 41 ? -1.772  -5.338  8.093   1.00 70.37  ? 672 CYS A O   1 
ATOM   318 C  CB  . CYS A 1 41 ? -0.851  -2.381  6.977   1.00 68.01  ? 672 CYS A CB  1 
ATOM   319 S  SG  . CYS A 1 41 ? 0.229   -1.856  5.648   1.00 64.48  ? 672 CYS A SG  1 
ATOM   320 N  N   . LYS A 1 42 ? -3.178  -3.653  8.609   1.00 64.07  ? 673 LYS A N   1 
ATOM   321 C  CA  . LYS A 1 42 ? -3.672  -4.254  9.848   1.00 69.84  ? 673 LYS A CA  1 
ATOM   322 C  C   . LYS A 1 42 ? -4.648  -5.434  9.632   1.00 74.52  ? 673 LYS A C   1 
ATOM   323 O  O   . LYS A 1 42 ? -4.616  -6.410  10.397  1.00 73.07  ? 673 LYS A O   1 
ATOM   324 C  CB  . LYS A 1 42 ? -4.327  -3.169  10.706  1.00 67.30  ? 673 LYS A CB  1 
ATOM   325 C  CG  . LYS A 1 42 ? -3.297  -2.084  11.106  1.00 77.87  ? 673 LYS A CG  1 
ATOM   326 C  CD  . LYS A 1 42 ? -3.564  -1.487  12.493  1.00 90.12  ? 673 LYS A CD  1 
ATOM   327 C  CE  . LYS A 1 42 ? -2.333  -0.739  13.048  1.00 93.22  ? 673 LYS A CE  1 
ATOM   328 N  NZ  . LYS A 1 42 ? -2.445  -0.446  14.527  1.00 97.40  ? 673 LYS A NZ  1 
ATOM   329 N  N   . GLU A 1 43 ? -5.505  -5.370  8.606   1.00 72.09  ? 674 GLU A N   1 
ATOM   330 C  CA  . GLU A 1 43 ? -6.322  -6.544  8.279   1.00 73.15  ? 674 GLU A CA  1 
ATOM   331 C  C   . GLU A 1 43 ? -5.461  -7.739  7.913   1.00 71.50  ? 674 GLU A C   1 
ATOM   332 O  O   . GLU A 1 43 ? -5.744  -8.849  8.335   1.00 72.48  ? 674 GLU A O   1 
ATOM   333 C  CB  . GLU A 1 43 ? -7.312  -6.254  7.156   1.00 73.77  ? 674 GLU A CB  1 
ATOM   334 C  CG  . GLU A 1 43 ? -8.693  -5.957  7.706   1.00 85.19  ? 674 GLU A CG  1 
ATOM   335 C  CD  . GLU A 1 43 ? -9.650  -5.456  6.657   1.00 95.05  ? 674 GLU A CD  1 
ATOM   336 O  OE1 . GLU A 1 43 ? -9.400  -5.730  5.445   1.00 91.16  ? 674 GLU A OE1 1 
ATOM   337 O  OE2 . GLU A 1 43 ? -10.645 -4.784  7.055   1.00 97.31  ? 674 GLU A OE2 1 
ATOM   338 N  N   . ARG A 1 44 ? -4.389  -7.507  7.162   1.00 73.02  ? 675 ARG A N   1 
ATOM   339 C  CA  . ARG A 1 44 ? -3.436  -8.571  6.854   1.00 72.11  ? 675 ARG A CA  1 
ATOM   340 C  C   . ARG A 1 44 ? -2.738  -9.114  8.109   1.00 75.79  ? 675 ARG A C   1 
ATOM   341 O  O   . ARG A 1 44 ? -2.434  -10.314 8.197   1.00 77.13  ? 675 ARG A O   1 
ATOM   342 C  CB  . ARG A 1 44 ? -2.391  -8.081  5.853   1.00 71.73  ? 675 ARG A CB  1 
ATOM   343 C  CG  . ARG A 1 44 ? -2.965  -7.801  4.481   1.00 73.13  ? 675 ARG A CG  1 
ATOM   344 C  CD  . ARG A 1 44 ? -2.028  -8.260  3.377   1.00 76.95  ? 675 ARG A CD  1 
ATOM   345 N  NE  . ARG A 1 44 ? -2.772  -8.487  2.141   1.00 78.81  ? 675 ARG A NE  1 
ATOM   346 C  CZ  . ARG A 1 44 ? -2.439  -9.385  1.221   1.00 77.99  ? 675 ARG A CZ  1 
ATOM   347 N  NH1 . ARG A 1 44 ? -1.360  -10.153 1.386   1.00 77.31  ? 675 ARG A NH1 1 
ATOM   348 N  NH2 . ARG A 1 44 ? -3.194  -9.518  0.136   1.00 79.27  ? 675 ARG A NH2 1 
ATOM   349 N  N   . LEU A 1 45 ? -2.479  -8.237  9.077   1.00 72.83  ? 676 LEU A N   1 
ATOM   350 C  CA  . LEU A 1 45 ? -1.931  -8.689  10.352  1.00 77.11  ? 676 LEU A CA  1 
ATOM   351 C  C   . LEU A 1 45 ? -2.981  -9.501  11.127  1.00 72.32  ? 676 LEU A C   1 
ATOM   352 O  O   . LEU A 1 45 ? -2.666  -10.537 11.701  1.00 74.33  ? 676 LEU A O   1 
ATOM   353 C  CB  . LEU A 1 45 ? -1.420  -7.501  11.185  1.00 73.28  ? 676 LEU A CB  1 
ATOM   354 C  CG  . LEU A 1 45 ? -0.077  -6.941  10.685  1.00 78.08  ? 676 LEU A CG  1 
ATOM   355 C  CD1 . LEU A 1 45 ? 0.413   -5.805  11.584  1.00 77.44  ? 676 LEU A CD1 1 
ATOM   356 C  CD2 . LEU A 1 45 ? 0.993   -8.036  10.524  1.00 74.08  ? 676 LEU A CD2 1 
ATOM   357 N  N   . ALA A 1 46 ? -4.229  -9.053  11.116  1.00 71.62  ? 677 ALA A N   1 
ATOM   358 C  CA  . ALA A 1 46 ? -5.290  -9.778  11.825  1.00 71.56  ? 677 ALA A CA  1 
ATOM   359 C  C   . ALA A 1 46 ? -5.610  -11.145 11.183  1.00 75.14  ? 677 ALA A C   1 
ATOM   360 O  O   . ALA A 1 46 ? -6.271  -11.987 11.793  1.00 79.73  ? 677 ALA A O   1 
ATOM   361 C  CB  . ALA A 1 46 ? -6.545  -8.921  11.898  1.00 65.58  ? 677 ALA A CB  1 
ATOM   362 N  N   . ALA A 1 47 ? -5.123  -11.361 9.964   1.00 74.68  ? 678 ALA A N   1 
ATOM   363 C  CA  . ALA A 1 47 ? -5.350  -12.608 9.231   1.00 73.53  ? 678 ALA A CA  1 
ATOM   364 C  C   . ALA A 1 47 ? -4.122  -13.492 9.259   1.00 74.23  ? 678 ALA A C   1 
ATOM   365 O  O   . ALA A 1 47 ? -4.060  -14.474 8.532   1.00 77.24  ? 678 ALA A O   1 
ATOM   366 C  CB  . ALA A 1 47 ? -5.742  -12.312 7.781   1.00 71.51  ? 678 ALA A CB  1 
ATOM   367 N  N   . ARG A 1 48 ? -3.149  -13.117 10.088  1.00 73.37  ? 679 ARG A N   1 
ATOM   368 C  CA  . ARG A 1 48 ? -1.841  -13.784 10.186  1.00 80.24  ? 679 ARG A CA  1 
ATOM   369 C  C   . ARG A 1 48 ? -1.167  -13.993 8.812   1.00 80.44  ? 679 ARG A C   1 
ATOM   370 O  O   . ARG A 1 48 ? -0.483  -14.994 8.569   1.00 81.45  ? 679 ARG A O   1 
ATOM   371 C  CB  . ARG A 1 48 ? -1.970  -15.123 10.942  1.00 77.47  ? 679 ARG A CB  1 
ATOM   372 N  N   . MET A 1 49 ? -1.347  -13.029 7.918   1.00 82.21  ? 680 MET A N   1 
ATOM   373 C  CA  . MET A 1 49 ? -0.585  -13.010 6.673   1.00 82.96  ? 680 MET A CA  1 
ATOM   374 C  C   . MET A 1 49 ? 0.512   -11.968 6.783   1.00 83.46  ? 680 MET A C   1 
ATOM   375 O  O   . MET A 1 49 ? 0.288   -10.779 6.516   1.00 81.29  ? 680 MET A O   1 
ATOM   376 C  CB  . MET A 1 49 ? -1.495  -12.715 5.495   1.00 80.79  ? 680 MET A CB  1 
ATOM   377 C  CG  . MET A 1 49 ? -2.654  -13.672 5.441   1.00 81.14  ? 680 MET A CG  1 
ATOM   378 S  SD  . MET A 1 49 ? -3.621  -13.354 3.990   1.00 90.79  ? 680 MET A SD  1 
ATOM   379 C  CE  . MET A 1 49 ? -2.326  -13.519 2.749   1.00 92.05  ? 680 MET A CE  1 
ATOM   380 N  N   . ARG A 1 50 ? 1.689   -12.422 7.205   1.00 81.37  ? 681 ARG A N   1 
ATOM   381 C  CA  . ARG A 1 50 ? 2.788   -11.527 7.543   1.00 83.96  ? 681 ARG A CA  1 
ATOM   382 C  C   . ARG A 1 50 ? 3.827   -11.445 6.419   1.00 82.82  ? 681 ARG A C   1 
ATOM   383 O  O   . ARG A 1 50 ? 5.014   -11.248 6.671   1.00 82.97  ? 681 ARG A O   1 
ATOM   384 C  CB  . ARG A 1 50 ? 3.456   -11.972 8.853   1.00 84.83  ? 681 ARG A CB  1 
ATOM   385 C  CG  . ARG A 1 50 ? 2.496   -12.284 10.001  1.00 86.35  ? 681 ARG A CG  1 
ATOM   386 C  CD  . ARG A 1 50 ? 3.276   -12.639 11.289  1.00 96.07  ? 681 ARG A CD  1 
ATOM   387 N  NE  . ARG A 1 50 ? 2.799   -13.863 11.940  1.00 100.45 ? 681 ARG A NE  1 
ATOM   388 C  CZ  . ARG A 1 50 ? 3.331   -15.071 11.749  1.00 97.76  ? 681 ARG A CZ  1 
ATOM   389 N  N   . LYS A 1 51 ? 3.374   -11.601 5.180   1.00 83.85  ? 682 LYS A N   1 
ATOM   390 C  CA  . LYS A 1 51 ? 4.239   -11.455 4.015   1.00 82.53  ? 682 LYS A CA  1 
ATOM   391 C  C   . LYS A 1 51 ? 3.746   -10.289 3.187   1.00 81.68  ? 682 LYS A C   1 
ATOM   392 O  O   . LYS A 1 51 ? 2.536   -10.064 3.092   1.00 78.30  ? 682 LYS A O   1 
ATOM   393 C  CB  . LYS A 1 51 ? 4.257   -12.729 3.167   1.00 86.00  ? 682 LYS A CB  1 
ATOM   394 C  CG  . LYS A 1 51 ? 4.927   -13.924 3.819   1.00 89.40  ? 682 LYS A CG  1 
ATOM   395 C  CD  . LYS A 1 51 ? 4.608   -15.202 3.040   1.00 96.76  ? 682 LYS A CD  1 
ATOM   396 C  CE  . LYS A 1 51 ? 5.207   -16.434 3.712   1.00 98.74  ? 682 LYS A CE  1 
ATOM   397 N  NZ  . LYS A 1 51 ? 6.671   -16.266 3.981   1.00 93.74  ? 682 LYS A NZ  1 
ATOM   398 N  N   . CYS A 1 52 ? 4.681   -9.547  2.592   1.00 82.37  ? 683 CYS A N   1 
ATOM   399 C  CA  . CYS A 1 52 ? 4.314   -8.395  1.790   1.00 79.13  ? 683 CYS A CA  1 
ATOM   400 C  C   . CYS A 1 52 ? 3.557   -8.840  0.548   1.00 78.43  ? 683 CYS A C   1 
ATOM   401 O  O   . CYS A 1 52 ? 4.007   -9.707  -0.194  1.00 81.08  ? 683 CYS A O   1 
ATOM   402 C  CB  . CYS A 1 52 ? 5.546   -7.563  1.394   1.00 77.17  ? 683 CYS A CB  1 
ATOM   403 S  SG  . CYS A 1 52 ? 5.163   -6.201  0.198   1.00 74.57  ? 683 CYS A SG  1 
ATOM   404 N  N   . PRO A 1 53 ? 2.387   -8.240  0.326   1.00 75.84  ? 684 PRO A N   1 
ATOM   405 C  CA  . PRO A 1 53 ? 1.564   -8.460  -0.864  1.00 77.22  ? 684 PRO A CA  1 
ATOM   406 C  C   . PRO A 1 53 ? 2.340   -8.344  -2.179  1.00 79.96  ? 684 PRO A C   1 
ATOM   407 O  O   . PRO A 1 53 ? 1.947   -8.972  -3.162  1.00 82.37  ? 684 PRO A O   1 
ATOM   408 C  CB  . PRO A 1 53 ? 0.515   -7.340  -0.774  1.00 77.24  ? 684 PRO A CB  1 
ATOM   409 C  CG  . PRO A 1 53 ? 0.435   -6.997  0.644   1.00 73.58  ? 684 PRO A CG  1 
ATOM   410 C  CD  . PRO A 1 53 ? 1.753   -7.320  1.284   1.00 69.89  ? 684 PRO A CD  1 
ATOM   411 N  N   . THR A 1 54 ? 3.413   -7.551  -2.202  1.00 79.60  ? 685 THR A N   1 
ATOM   412 C  CA  . THR A 1 54 ? 4.067   -7.212  -3.473  1.00 80.29  ? 685 THR A CA  1 
ATOM   413 C  C   . THR A 1 54 ? 5.308   -8.059  -3.753  1.00 78.07  ? 685 THR A C   1 
ATOM   414 O  O   . THR A 1 54 ? 5.495   -8.536  -4.863  1.00 84.12  ? 685 THR A O   1 
ATOM   415 C  CB  . THR A 1 54 ? 4.462   -5.719  -3.526  1.00 77.29  ? 685 THR A CB  1 
ATOM   416 O  OG1 . THR A 1 54 ? 3.283   -4.907  -3.619  1.00 77.71  ? 685 THR A OG1 1 
ATOM   417 C  CG2 . THR A 1 54 ? 5.360   -5.439  -4.727  1.00 75.41  ? 685 THR A CG2 1 
ATOM   418 N  N   . CYS A 1 55 ? 6.137   -8.257  -2.741  1.00 77.79  ? 686 CYS A N   1 
ATOM   419 C  CA  . CYS A 1 55 ? 7.426   -8.904  -2.925  1.00 78.91  ? 686 CYS A CA  1 
ATOM   420 C  C   . CYS A 1 55 ? 7.584   -10.095 -1.968  1.00 79.94  ? 686 CYS A C   1 
ATOM   421 O  O   . CYS A 1 55 ? 8.618   -10.759 -1.936  1.00 79.24  ? 686 CYS A O   1 
ATOM   422 C  CB  . CYS A 1 55 ? 8.549   -7.881  -2.712  1.00 76.92  ? 686 CYS A CB  1 
ATOM   423 S  SG  . CYS A 1 55 ? 8.776   -7.407  -0.963  1.00 77.40  ? 686 CYS A SG  1 
ATOM   424 N  N   . ASN A 1 56 ? 6.553   -10.329 -1.162  1.00 85.47  ? 687 ASN A N   1 
ATOM   425 C  CA  . ASN A 1 56 ? 6.480   -11.476 -0.259  1.00 83.59  ? 687 ASN A CA  1 
ATOM   426 C  C   . ASN A 1 56 ? 7.555   -11.515 0.856   1.00 86.61  ? 687 ASN A C   1 
ATOM   427 O  O   . ASN A 1 56 ? 7.689   -12.529 1.563   1.00 87.02  ? 687 ASN A O   1 
ATOM   428 C  CB  . ASN A 1 56 ? 6.515   -12.772 -1.088  1.00 86.88  ? 687 ASN A CB  1 
ATOM   429 C  CG  . ASN A 1 56 ? 5.613   -13.858 -0.514  1.00 92.69  ? 687 ASN A CG  1 
ATOM   430 O  OD1 . ASN A 1 56 ? 6.101   -14.895 -0.061  1.00 93.28  ? 687 ASN A OD1 1 
ATOM   431 N  ND2 . ASN A 1 56 ? 4.290   -13.619 -0.521  1.00 90.16  ? 687 ASN A ND2 1 
ATOM   432 N  N   . LYS A 1 57 ? 8.303   -10.423 1.037   1.00 82.12  ? 688 LYS A N   1 
ATOM   433 C  CA  . LYS A 1 57 ? 9.232   -10.346 2.170   1.00 82.31  ? 688 LYS A CA  1 
ATOM   434 C  C   . LYS A 1 57 ? 8.444   -10.291 3.475   1.00 83.21  ? 688 LYS A C   1 
ATOM   435 O  O   . LYS A 1 57 ? 7.330   -9.770  3.515   1.00 86.16  ? 688 LYS A O   1 
ATOM   436 C  CB  . LYS A 1 57 ? 10.164  -9.137  2.059   1.00 81.92  ? 688 LYS A CB  1 
ATOM   437 N  N   . ALA A 1 58 ? 9.019   -10.832 4.539   1.00 83.18  ? 689 ALA A N   1 
ATOM   438 C  CA  . ALA A 1 58 ? 8.308   -10.973 5.801   1.00 84.13  ? 689 ALA A CA  1 
ATOM   439 C  C   . ALA A 1 58 ? 8.372   -9.710  6.631   1.00 82.64  ? 689 ALA A C   1 
ATOM   440 O  O   . ALA A 1 58 ? 9.351   -8.969  6.561   1.00 83.07  ? 689 ALA A O   1 
ATOM   441 C  CB  . ALA A 1 58 ? 8.871   -12.144 6.598   1.00 85.96  ? 689 ALA A CB  1 
ATOM   442 N  N   . PHE A 1 59 ? 7.348   -9.483  7.449   1.00 80.20  ? 690 PHE A N   1 
ATOM   443 C  CA  . PHE A 1 59 ? 7.297   -8.279  8.268   1.00 80.01  ? 690 PHE A CA  1 
ATOM   444 C  C   . PHE A 1 59 ? 6.358   -8.464  9.447   1.00 78.96  ? 690 PHE A C   1 
ATOM   445 O  O   . PHE A 1 59 ? 5.593   -9.415  9.489   1.00 82.61  ? 690 PHE A O   1 
ATOM   446 C  CB  . PHE A 1 59 ? 6.858   -7.067  7.425   1.00 78.42  ? 690 PHE A CB  1 
ATOM   447 C  CG  . PHE A 1 59 ? 5.362   -6.995  7.163   1.00 74.07  ? 690 PHE A CG  1 
ATOM   448 C  CD1 . PHE A 1 59 ? 4.789   -7.701  6.119   1.00 73.91  ? 690 PHE A CD1 1 
ATOM   449 C  CD2 . PHE A 1 59 ? 4.543   -6.215  7.960   1.00 72.30  ? 690 PHE A CD2 1 
ATOM   450 C  CE1 . PHE A 1 59 ? 3.426   -7.641  5.882   1.00 74.05  ? 690 PHE A CE1 1 
ATOM   451 C  CE2 . PHE A 1 59 ? 3.178   -6.146  7.732   1.00 72.30  ? 690 PHE A CE2 1 
ATOM   452 C  CZ  . PHE A 1 59 ? 2.619   -6.859  6.692   1.00 70.99  ? 690 PHE A CZ  1 
ATOM   453 N  N   . SER A 1 60 ? 6.404   -7.527  10.385  1.00 81.57  ? 691 SER A N   1 
ATOM   454 C  CA  . SER A 1 60 ? 5.513   -7.525  11.533  1.00 80.17  ? 691 SER A CA  1 
ATOM   455 C  C   . SER A 1 60 ? 5.078   -6.090  11.838  1.00 83.31  ? 691 SER A C   1 
ATOM   456 O  O   . SER A 1 60 ? 5.493   -5.164  11.139  1.00 84.94  ? 691 SER A O   1 
ATOM   457 C  CB  . SER A 1 60 ? 6.210   -8.152  12.740  1.00 87.95  ? 691 SER A CB  1 
ATOM   458 O  OG  . SER A 1 60 ? 7.360   -7.400  13.105  1.00 91.12  ? 691 SER A OG  1 
ATOM   459 N  N   . SER A 1 61 ? 4.256   -5.910  12.876  1.00 81.40  ? 692 SER A N   1 
ATOM   460 C  CA  . SER A 1 61 ? 3.683   -4.607  13.240  1.00 85.24  ? 692 SER A CA  1 
ATOM   461 C  C   . SER A 1 61 ? 4.708   -3.509  13.536  1.00 86.58  ? 692 SER A C   1 
ATOM   462 O  O   . SER A 1 61 ? 4.413   -2.321  13.414  1.00 85.06  ? 692 SER A O   1 
ATOM   463 C  CB  . SER A 1 61 ? 2.784   -4.759  14.462  1.00 87.35  ? 692 SER A CB  1 
ATOM   464 O  OG  . SER A 1 61 ? 2.127   -6.010  14.427  1.00 95.86  ? 692 SER A OG  1 
ATOM   465 N  N   . ASN A 1 62 ? 5.903   -3.906  13.955  1.00 91.11  ? 693 ASN A N   1 
ATOM   466 C  CA  . ASN A 1 62 ? 6.943   -2.939  14.259  1.00 92.32  ? 693 ASN A CA  1 
ATOM   467 C  C   . ASN A 1 62 ? 7.522   -2.377  12.982  1.00 86.39  ? 693 ASN A C   1 
ATOM   468 O  O   . ASN A 1 62 ? 7.972   -1.234  12.952  1.00 83.99  ? 693 ASN A O   1 
ATOM   469 C  CB  . ASN A 1 62 ? 8.050   -3.574  15.107  1.00 93.53  ? 693 ASN A CB  1 
ATOM   470 C  CG  . ASN A 1 62 ? 7.723   -3.555  16.583  1.00 102.75 ? 693 ASN A CG  1 
ATOM   471 O  OD1 . ASN A 1 62 ? 6.548   -3.542  16.967  1.00 102.94 ? 693 ASN A OD1 1 
ATOM   472 N  ND2 . ASN A 1 62 ? 8.756   -3.534  17.422  1.00 108.99 ? 693 ASN A ND2 1 
ATOM   473 N  N   . ASP A 1 63 ? 7.486   -3.193  11.928  1.00 83.58  ? 694 ASP A N   1 
ATOM   474 C  CA  . ASP A 1 63 ? 8.029   -2.808  10.629  1.00 82.70  ? 694 ASP A CA  1 
ATOM   475 C  C   . ASP A 1 63 ? 7.121   -1.812  9.895   1.00 76.61  ? 694 ASP A C   1 
ATOM   476 O  O   . ASP A 1 63 ? 7.436   -1.398  8.794   1.00 75.16  ? 694 ASP A O   1 
ATOM   477 C  CB  . ASP A 1 63 ? 8.264   -4.048  9.751   1.00 81.50  ? 694 ASP A CB  1 
ATOM   478 C  CG  . ASP A 1 63 ? 9.265   -5.031  10.365  1.00 86.19  ? 694 ASP A CG  1 
ATOM   479 O  OD1 . ASP A 1 63 ? 10.194  -4.591  11.072  1.00 89.56  ? 694 ASP A OD1 1 
ATOM   480 O  OD2 . ASP A 1 63 ? 9.131   -6.249  10.135  1.00 85.86  ? 694 ASP A OD2 1 
ATOM   481 N  N   . LEU A 1 64 ? 6.013   -1.425  10.521  1.00 77.20  ? 695 LEU A N   1 
ATOM   482 C  CA  . LEU A 1 64 ? 5.042   -0.517  9.903   1.00 76.76  ? 695 LEU A CA  1 
ATOM   483 C  C   . LEU A 1 64 ? 5.321   0.930   10.267  1.00 76.75  ? 695 LEU A C   1 
ATOM   484 O  O   . LEU A 1 64 ? 5.495   1.253   11.446  1.00 73.20  ? 695 LEU A O   1 
ATOM   485 C  CB  . LEU A 1 64 ? 3.606   -0.874  10.327  1.00 74.44  ? 695 LEU A CB  1 
ATOM   486 C  CG  . LEU A 1 64 ? 3.114   -2.281  9.963   1.00 73.63  ? 695 LEU A CG  1 
ATOM   487 C  CD1 . LEU A 1 64 ? 1.610   -2.418  10.191  1.00 67.83  ? 695 LEU A CD1 1 
ATOM   488 C  CD2 . LEU A 1 64 ? 3.489   -2.611  8.531   1.00 68.83  ? 695 LEU A CD2 1 
ATOM   489 N  N   . LEU A 1 65 ? 5.331   1.793   9.250   1.00 73.59  ? 696 LEU A N   1 
ATOM   490 C  CA  . LEU A 1 65 ? 5.628   3.223   9.413   1.00 69.88  ? 696 LEU A CA  1 
ATOM   491 C  C   . LEU A 1 65 ? 4.606   4.127   8.723   1.00 67.61  ? 696 LEU A C   1 
ATOM   492 O  O   . LEU A 1 65 ? 4.391   4.020   7.502   1.00 64.10  ? 696 LEU A O   1 
ATOM   493 C  CB  . LEU A 1 65 ? 7.025   3.533   8.851   1.00 71.52  ? 696 LEU A CB  1 
ATOM   494 C  CG  . LEU A 1 65 ? 7.379   5.018   8.807   1.00 73.40  ? 696 LEU A CG  1 
ATOM   495 C  CD1 . LEU A 1 65 ? 7.802   5.518   10.231  1.00 67.04  ? 696 LEU A CD1 1 
ATOM   496 C  CD2 . LEU A 1 65 ? 8.460   5.318   7.734   1.00 71.08  ? 696 LEU A CD2 1 
ATOM   497 N  N   . THR A 1 66 ? 3.985   5.025   9.479   1.00 61.51  ? 697 THR A N   1 
ATOM   498 C  CA  . THR A 1 66 ? 3.052   5.967   8.880   1.00 62.26  ? 697 THR A CA  1 
ATOM   499 C  C   . THR A 1 66 ? 3.802   7.004   8.027   1.00 68.99  ? 697 THR A C   1 
ATOM   500 O  O   . THR A 1 66 ? 4.801   7.578   8.442   1.00 67.35  ? 697 THR A O   1 
ATOM   501 C  CB  . THR A 1 66 ? 2.211   6.662   9.943   1.00 62.92  ? 697 THR A CB  1 
ATOM   502 O  OG1 . THR A 1 66 ? 1.344   5.689   10.545  1.00 67.21  ? 697 THR A OG1 1 
ATOM   503 C  CG2 . THR A 1 66 ? 1.381   7.801   9.346   1.00 61.05  ? 697 THR A CG2 1 
ATOM   504 N  N   . VAL A 1 67 ? 3.283   7.226   6.830   1.00 63.51  ? 698 VAL A N   1 
ATOM   505 C  CA  . VAL A 1 67 ? 3.949   7.990   5.809   1.00 65.05  ? 698 VAL A CA  1 
ATOM   506 C  C   . VAL A 1 67 ? 2.952   8.999   5.250   1.00 69.03  ? 698 VAL A C   1 
ATOM   507 O  O   . VAL A 1 67 ? 1.746   8.736   5.208   1.00 68.25  ? 698 VAL A O   1 
ATOM   508 C  CB  . VAL A 1 67 ? 4.497   7.022   4.739   1.00 68.06  ? 698 VAL A CB  1 
ATOM   509 C  CG1 . VAL A 1 67 ? 4.222   7.488   3.370   1.00 70.63  ? 698 VAL A CG1 1 
ATOM   510 C  CG2 . VAL A 1 67 ? 5.972   6.769   4.971   1.00 62.51  ? 698 VAL A CG2 1 
ATOM   511 N  N   . HIS A 1 68 ? 3.430   10.182  4.881   1.00 69.30  ? 699 HIS A N   1 
ATOM   512 C  CA  . HIS A 1 68 ? 2.525   11.256  4.460   1.00 72.28  ? 699 HIS A CA  1 
ATOM   513 C  C   . HIS A 1 68 ? 2.726   11.697  3.001   1.00 74.42  ? 699 HIS A C   1 
ATOM   514 O  O   . HIS A 1 68 ? 3.792   12.209  2.657   1.00 75.38  ? 699 HIS A O   1 
ATOM   515 C  CB  . HIS A 1 68 ? 2.696   12.453  5.376   1.00 72.21  ? 699 HIS A CB  1 
ATOM   516 C  CG  . HIS A 1 68 ? 2.368   12.168  6.806   1.00 73.24  ? 699 HIS A CG  1 
ATOM   517 N  ND1 . HIS A 1 68 ? 1.078   12.185  7.291   1.00 74.57  ? 699 HIS A ND1 1 
ATOM   518 C  CD2 . HIS A 1 68 ? 3.164   11.863  7.858   1.00 73.42  ? 699 HIS A CD2 1 
ATOM   519 C  CE1 . HIS A 1 68 ? 1.092   11.898  8.583   1.00 72.47  ? 699 HIS A CE1 1 
ATOM   520 N  NE2 . HIS A 1 68 ? 2.343   11.700  8.951   1.00 71.11  ? 699 HIS A NE2 1 
ATOM   521 N  N   . LEU A 1 69 ? 1.667   11.529  2.197   1.00 76.17  ? 700 LEU A N   1 
ATOM   522 C  CA  . LEU A 1 69 ? 1.621   11.680  0.725   1.00 74.60  ? 700 LEU A CA  1 
ATOM   523 C  C   . LEU A 1 69 ? 2.234   10.475  0.001   1.00 80.15  ? 700 LEU A C   1 
ATOM   524 O  O   . LEU A 1 69 ? 1.549   9.778   -0.747  1.00 79.86  ? 700 LEU A O   1 
ATOM   525 C  CB  . LEU A 1 69 ? 2.307   12.962  0.255   1.00 75.93  ? 700 LEU A CB  1 
ATOM   526 C  CG  . LEU A 1 69 ? 1.513   14.257  0.362   1.00 79.20  ? 700 LEU A CG  1 
ATOM   527 C  CD1 . LEU A 1 69 ? 1.378   14.711  1.832   1.00 78.43  ? 700 LEU A CD1 1 
ATOM   528 C  CD2 . LEU A 1 69 ? 2.102   15.358  -0.558  1.00 78.73  ? 700 LEU A CD2 1 
HETATM 529 ZN ZN  . ZN  B 2 .  ? 7.425   -5.469  -0.128  1.00 77.08  ? 801 ZN  A ZN  1 
HETATM 530 ZN ZN  . ZN  C 2 .  ? -5.824  -0.448  1.351   1.00 68.18  ? 802 ZN  A ZN  1 
HETATM 531 O  O   . HOH D 3 .  ? 5.623   14.135  2.493   1.00 70.46  ? 901 HOH A O   1 
HETATM 532 O  O   . HOH D 3 .  ? -9.244  11.559  -4.567  1.00 83.91  ? 902 HOH A O   1 
HETATM 533 O  O   . HOH D 3 .  ? -7.656  10.131  1.210   1.00 82.56  ? 903 HOH A O   1 
HETATM 534 O  O   . HOH D 3 .  ? 5.200   8.332   10.901  1.00 69.64  ? 904 HOH A O   1 
HETATM 535 O  O   . HOH D 3 .  ? -0.734  13.192  5.710   1.00 80.13  ? 905 HOH A O   1 
HETATM 536 O  O   . HOH D 3 .  ? -6.100  4.007   6.137   1.00 71.04  ? 906 HOH A O   1 
HETATM 537 O  O   . HOH D 3 .  ? 0.901   3.412   -12.663 1.00 82.54  ? 907 HOH A O   1 
HETATM 538 O  O   . HOH D 3 .  ? 0.753   -8.015  15.379  1.00 88.21  ? 908 HOH A O   1 
HETATM 539 O  O   . HOH D 3 .  ? -2.640  -12.803 14.586  1.00 81.62  ? 909 HOH A O   1 
# 
